data_4E79
#
_entry.id   4E79
#
_cell.length_a   64.667
_cell.length_b   64.667
_cell.length_c   463.814
_cell.angle_alpha   90.00
_cell.angle_beta   90.00
_cell.angle_gamma   90.00
#
_symmetry.space_group_name_H-M   'P 43 2 2'
#
loop_
_entity.id
_entity.type
_entity.pdbx_description
1 polymer 'UDP-3-O-acylglucosamine N-acyltransferase'
2 water water
#
_entity_poly.entity_id   1
_entity_poly.type   'polypeptide(L)'
_entity_poly.pdbx_seq_one_letter_code
;GGSKVQQYRLDELAHLVKGELIGEGSLQFSNLASLENAEVNHLTFVNGEKHLDQAKVSRAGAYIVTAALKEHLPEKDNFI
IVDNPYLAFAILTHVFDKKISSTGIESTARIHPSAVISETAYIGHYVVIGENCVVGDNTVIQSHTKLDDNVEVGKDCFID
SYVTITGSSKLRDRVRIHSSTVIGGEGFGFAPYQGKWHRIAQLGSVLIGNDVRIGSNCSIDRGALDNTILEDGVIIDNLV
QIAHNVHIGSNTAIAAKCGIAGSTKIGKNCILAGACGVAGHLSIADNVTLTGMSMVTKNISEAGTYSSGTGLFENNHWKK
TIVRLRQLADVPLTQITKRLDHIQAQIESLESTFNLR
;
_entity_poly.pdbx_strand_id   A,B,C
#
# COMPACT_ATOMS: atom_id res chain seq x y z
N VAL A 5 -16.46 27.60 20.25
CA VAL A 5 -14.97 27.52 20.21
C VAL A 5 -14.41 28.48 21.25
N GLN A 6 -13.27 28.14 21.86
CA GLN A 6 -12.62 29.08 22.77
C GLN A 6 -11.59 29.95 22.04
N GLN A 7 -11.59 31.22 22.43
CA GLN A 7 -10.75 32.28 21.88
C GLN A 7 -9.41 32.47 22.62
N TYR A 8 -8.45 33.06 21.93
CA TYR A 8 -7.19 33.49 22.55
C TYR A 8 -6.78 34.88 22.08
N ARG A 9 -6.30 35.68 23.02
CA ARG A 9 -5.74 36.99 22.70
C ARG A 9 -4.52 36.81 21.78
N LEU A 10 -4.44 37.67 20.76
CA LEU A 10 -3.33 37.64 19.82
C LEU A 10 -1.96 37.69 20.51
N ASP A 11 -1.85 38.43 21.62
CA ASP A 11 -0.57 38.49 22.34
C ASP A 11 -0.17 37.15 22.96
N GLU A 12 -1.15 36.40 23.50
CA GLU A 12 -0.91 35.05 24.03
C GLU A 12 -0.34 34.19 22.91
N LEU A 13 -1.02 34.19 21.76
CA LEU A 13 -0.64 33.38 20.61
C LEU A 13 0.77 33.67 20.11
N ALA A 14 1.15 34.95 20.10
CA ALA A 14 2.49 35.38 19.68
C ALA A 14 3.54 34.92 20.67
N HIS A 15 3.21 35.01 21.96
CA HIS A 15 4.08 34.54 23.05
C HIS A 15 4.35 33.04 23.01
N LEU A 16 3.28 32.25 22.85
CA LEU A 16 3.37 30.79 22.68
C LEU A 16 4.35 30.36 21.58
N VAL A 17 4.48 31.15 20.51
CA VAL A 17 5.44 30.83 19.44
C VAL A 17 6.74 31.64 19.51
N LYS A 18 6.92 32.37 20.62
CA LYS A 18 8.07 33.24 20.81
C LYS A 18 8.25 34.16 19.60
N GLY A 19 7.15 34.77 19.15
CA GLY A 19 7.18 35.69 18.02
C GLY A 19 7.04 37.16 18.35
N GLU A 20 7.19 38.01 17.34
CA GLU A 20 7.00 39.43 17.52
C GLU A 20 5.56 39.79 17.16
N LEU A 21 4.93 40.61 18.01
CA LEU A 21 3.55 41.07 17.83
C LEU A 21 3.55 42.42 17.17
N ILE A 22 2.75 42.55 16.12
CA ILE A 22 2.46 43.82 15.50
C ILE A 22 0.95 43.90 15.42
N GLY A 23 0.37 44.94 16.02
CA GLY A 23 -1.08 45.16 16.00
C GLY A 23 -1.62 45.07 17.40
N GLU A 24 -2.93 45.12 17.56
CA GLU A 24 -3.54 45.11 18.88
C GLU A 24 -3.59 43.70 19.49
N GLY A 25 -2.76 43.47 20.49
CA GLY A 25 -2.63 42.16 21.11
C GLY A 25 -3.82 41.65 21.90
N SER A 26 -4.80 42.51 22.17
CA SER A 26 -6.02 42.09 22.87
C SER A 26 -7.14 41.61 21.92
N LEU A 27 -6.91 41.64 20.62
CA LEU A 27 -7.85 41.04 19.68
C LEU A 27 -7.83 39.53 19.86
N GLN A 28 -9.02 38.93 19.98
CA GLN A 28 -9.17 37.48 20.17
C GLN A 28 -9.45 36.71 18.89
N PHE A 29 -8.95 35.47 18.83
CA PHE A 29 -9.16 34.64 17.67
C PHE A 29 -9.78 33.28 18.01
N SER A 30 -10.60 32.77 17.08
CA SER A 30 -11.39 31.55 17.33
C SER A 30 -10.81 30.29 16.71
N ASN A 31 -9.81 30.43 15.85
CA ASN A 31 -9.33 29.29 15.07
C ASN A 31 -8.20 29.72 14.16
N LEU A 32 -7.40 28.76 13.72
CA LEU A 32 -6.55 28.95 12.56
C LEU A 32 -7.38 28.65 11.32
N ALA A 33 -6.89 29.09 10.17
CA ALA A 33 -7.58 28.91 8.89
C ALA A 33 -6.70 29.27 7.70
N SER A 34 -7.09 28.76 6.54
CA SER A 34 -6.32 28.93 5.32
C SER A 34 -6.49 30.34 4.80
N LEU A 35 -5.50 30.77 4.02
CA LEU A 35 -5.56 31.99 3.24
C LEU A 35 -6.87 32.12 2.47
N GLU A 36 -7.32 31.03 1.84
CA GLU A 36 -8.56 31.03 1.06
C GLU A 36 -9.77 31.32 1.93
N ASN A 37 -9.93 30.58 3.02
CA ASN A 37 -11.24 30.55 3.68
C ASN A 37 -11.33 31.25 5.01
N ALA A 38 -10.21 31.82 5.44
CA ALA A 38 -10.06 32.46 6.74
C ALA A 38 -11.00 33.63 6.83
N GLU A 39 -11.47 33.88 8.05
CA GLU A 39 -12.37 34.99 8.32
C GLU A 39 -11.70 35.94 9.29
N VAL A 40 -12.30 37.11 9.46
CA VAL A 40 -11.82 38.17 10.36
C VAL A 40 -11.35 37.71 11.76
N ASN A 41 -11.97 36.65 12.29
CA ASN A 41 -11.62 36.13 13.60
C ASN A 41 -10.66 34.92 13.52
N HIS A 42 -10.04 34.74 12.36
CA HIS A 42 -9.08 33.65 12.20
C HIS A 42 -7.65 34.14 12.06
N LEU A 43 -6.70 33.27 12.36
CA LEU A 43 -5.27 33.54 12.22
C LEU A 43 -4.73 32.59 11.15
N THR A 44 -3.98 33.13 10.20
CA THR A 44 -3.44 32.32 9.12
C THR A 44 -1.92 32.48 9.07
N PHE A 45 -1.30 31.93 8.03
CA PHE A 45 0.14 32.04 7.88
C PHE A 45 0.50 32.02 6.41
N VAL A 46 1.67 32.55 6.10
CA VAL A 46 2.18 32.63 4.75
C VAL A 46 3.58 32.09 4.86
N ASN A 47 3.95 31.13 4.01
CA ASN A 47 5.27 30.54 4.08
C ASN A 47 5.92 30.59 2.70
N GLY A 48 6.76 31.59 2.47
CA GLY A 48 7.29 31.80 1.14
C GLY A 48 6.50 32.79 0.28
N GLU A 49 7.24 33.46 -0.60
CA GLU A 49 6.71 34.46 -1.53
C GLU A 49 5.60 33.90 -2.42
N LYS A 50 5.47 32.57 -2.45
CA LYS A 50 4.54 31.90 -3.34
C LYS A 50 3.09 31.96 -2.89
N HIS A 51 2.86 32.29 -1.62
CA HIS A 51 1.49 32.43 -1.06
C HIS A 51 1.10 33.89 -0.77
N LEU A 52 1.86 34.84 -1.31
CA LEU A 52 1.61 36.27 -1.06
C LEU A 52 0.34 36.80 -1.71
N ASP A 53 0.15 36.50 -2.99
CA ASP A 53 -1.09 36.87 -3.66
C ASP A 53 -2.34 36.36 -2.94
N GLN A 54 -2.30 35.13 -2.44
CA GLN A 54 -3.45 34.56 -1.73
C GLN A 54 -3.67 35.33 -0.43
N ALA A 55 -2.58 35.57 0.30
CA ALA A 55 -2.64 36.29 1.55
C ALA A 55 -3.28 37.66 1.33
N LYS A 56 -2.89 38.32 0.24
CA LYS A 56 -3.36 39.69 -0.01
C LYS A 56 -4.87 39.74 -0.10
N VAL A 57 -5.46 38.65 -0.52
CA VAL A 57 -6.88 38.59 -0.82
C VAL A 57 -7.64 37.98 0.36
N SER A 58 -6.89 37.59 1.38
CA SER A 58 -7.43 36.88 2.53
C SER A 58 -8.24 37.78 3.46
N ARG A 59 -9.31 37.22 4.02
CA ARG A 59 -10.11 37.89 5.04
C ARG A 59 -9.58 37.69 6.47
N ALA A 60 -8.42 37.04 6.60
CA ALA A 60 -7.93 36.66 7.93
C ALA A 60 -7.61 37.89 8.77
N GLY A 61 -7.95 37.81 10.04
CA GLY A 61 -7.65 38.87 11.00
C GLY A 61 -6.19 39.11 11.31
N ALA A 62 -5.39 38.06 11.42
CA ALA A 62 -3.98 38.21 11.75
C ALA A 62 -3.06 37.25 10.97
N TYR A 63 -1.84 37.69 10.67
CA TYR A 63 -0.96 36.91 9.78
C TYR A 63 0.33 36.49 10.45
N ILE A 64 0.54 35.18 10.55
CA ILE A 64 1.83 34.64 10.94
C ILE A 64 2.70 34.72 9.70
N VAL A 65 3.75 35.54 9.76
CA VAL A 65 4.61 35.75 8.61
C VAL A 65 6.07 35.92 8.99
N THR A 66 6.88 36.26 8.01
CA THR A 66 8.30 36.49 8.21
C THR A 66 8.60 37.98 7.97
N ALA A 67 9.57 38.54 8.70
CA ALA A 67 9.94 39.95 8.56
C ALA A 67 9.88 40.42 7.10
N ALA A 68 10.57 39.69 6.23
CA ALA A 68 10.55 39.93 4.79
C ALA A 68 9.13 39.92 4.18
N LEU A 69 8.38 38.86 4.40
CA LEU A 69 7.03 38.71 3.85
C LEU A 69 6.06 39.81 4.36
N LYS A 70 6.26 40.28 5.59
CA LYS A 70 5.54 41.43 6.16
C LYS A 70 5.63 42.68 5.28
N GLU A 71 6.81 42.90 4.68
CA GLU A 71 7.03 44.05 3.80
C GLU A 71 6.00 44.10 2.66
N HIS A 72 5.53 42.92 2.23
CA HIS A 72 4.67 42.81 1.06
C HIS A 72 3.17 42.74 1.41
N LEU A 73 2.85 42.93 2.70
CA LEU A 73 1.46 42.90 3.17
C LEU A 73 0.99 44.24 3.75
N PRO A 74 1.20 45.37 3.01
CA PRO A 74 0.97 46.71 3.52
C PRO A 74 -0.44 46.91 4.01
N GLU A 75 -1.38 46.23 3.37
CA GLU A 75 -2.81 46.47 3.62
C GLU A 75 -3.32 45.69 4.83
N LYS A 76 -2.41 45.00 5.50
CA LYS A 76 -2.74 44.15 6.63
C LYS A 76 -2.25 44.70 7.95
N ASP A 77 -3.09 44.62 8.97
CA ASP A 77 -2.82 45.23 10.27
C ASP A 77 -2.10 44.35 11.30
N ASN A 78 -2.52 43.10 11.42
CA ASN A 78 -2.08 42.27 12.51
C ASN A 78 -1.16 41.15 12.12
N PHE A 79 -0.01 41.09 12.78
CA PHE A 79 1.03 40.12 12.45
C PHE A 79 1.62 39.44 13.69
N ILE A 80 2.10 38.21 13.48
CA ILE A 80 3.11 37.59 14.35
C ILE A 80 4.38 37.29 13.51
N ILE A 81 5.49 37.90 13.91
CA ILE A 81 6.73 37.75 13.14
C ILE A 81 7.60 36.66 13.75
N VAL A 82 8.01 35.73 12.90
CA VAL A 82 8.75 34.54 13.29
C VAL A 82 9.76 34.16 12.21
N ASP A 83 10.73 33.32 12.54
CA ASP A 83 11.72 32.90 11.53
C ASP A 83 11.15 31.84 10.58
N ASN A 84 10.16 31.08 11.07
CA ASN A 84 9.57 29.89 10.42
C ASN A 84 8.07 29.83 10.73
N PRO A 85 7.23 30.42 9.84
CA PRO A 85 5.76 30.41 9.97
C PRO A 85 5.17 29.01 10.06
N TYR A 86 5.68 28.06 9.27
CA TYR A 86 5.24 26.67 9.34
C TYR A 86 5.23 26.13 10.78
N LEU A 87 6.39 26.24 11.44
CA LEU A 87 6.58 25.79 12.83
C LEU A 87 5.68 26.52 13.85
N ALA A 88 5.63 27.85 13.74
CA ALA A 88 4.77 28.66 14.56
C ALA A 88 3.33 28.17 14.47
N PHE A 89 2.87 28.00 13.22
CA PHE A 89 1.55 27.45 12.94
C PHE A 89 1.45 26.04 13.56
N ALA A 90 2.46 25.23 13.33
CA ALA A 90 2.49 23.88 13.91
C ALA A 90 2.24 23.90 15.42
N ILE A 91 2.91 24.82 16.12
CA ILE A 91 2.77 24.97 17.56
C ILE A 91 1.36 25.38 17.96
N LEU A 92 0.76 26.25 17.17
CA LEU A 92 -0.54 26.77 17.51
C LEU A 92 -1.69 25.84 17.14
N THR A 93 -1.47 24.91 16.23
CA THR A 93 -2.57 24.02 15.84
C THR A 93 -3.09 23.22 17.02
N HIS A 94 -2.19 22.85 17.93
CA HIS A 94 -2.54 22.10 19.16
C HIS A 94 -3.39 22.89 20.13
N VAL A 95 -3.27 24.21 20.08
CA VAL A 95 -4.07 25.06 20.96
C VAL A 95 -5.53 25.07 20.49
N PHE A 96 -5.73 24.92 19.17
CA PHE A 96 -7.07 24.91 18.58
C PHE A 96 -7.60 23.51 18.32
N ASP A 97 -6.82 22.49 18.68
CA ASP A 97 -7.20 21.09 18.50
C ASP A 97 -8.28 20.65 19.50
N LYS A 98 -9.18 19.76 19.03
CA LYS A 98 -10.18 19.11 19.89
C LYS A 98 -9.51 18.09 20.85
N LYS A 99 -9.23 18.54 22.07
CA LYS A 99 -8.35 17.83 23.02
C LYS A 99 -9.07 16.77 23.88
N ILE A 100 -8.67 15.50 23.68
CA ILE A 100 -9.30 14.34 24.34
C ILE A 100 -8.87 14.14 25.79
N SER A 101 -9.73 14.52 26.73
CA SER A 101 -9.42 14.49 28.16
C SER A 101 -9.96 13.24 28.83
N SER A 102 -10.42 12.28 28.03
CA SER A 102 -11.08 11.10 28.57
C SER A 102 -10.16 10.05 29.21
N THR A 103 -10.67 9.49 30.30
CA THR A 103 -9.94 8.51 31.08
C THR A 103 -10.87 7.38 31.52
N GLY A 104 -10.29 6.24 31.85
CA GLY A 104 -11.06 5.08 32.30
C GLY A 104 -10.93 3.90 31.35
N ILE A 105 -11.73 2.87 31.63
CA ILE A 105 -11.72 1.61 30.88
C ILE A 105 -13.16 1.27 30.48
N GLU A 106 -13.47 1.34 29.19
CA GLU A 106 -14.81 1.00 28.73
C GLU A 106 -15.23 -0.38 29.22
N SER A 107 -16.54 -0.55 29.40
CA SER A 107 -17.08 -1.79 29.98
C SER A 107 -16.86 -3.02 29.11
N THR A 108 -16.70 -2.81 27.80
CA THR A 108 -16.56 -3.96 26.88
C THR A 108 -15.10 -4.39 26.71
N ALA A 109 -14.20 -3.72 27.43
CA ALA A 109 -12.77 -4.04 27.33
C ALA A 109 -12.37 -5.28 28.12
N ARG A 110 -11.78 -6.26 27.45
CA ARG A 110 -11.30 -7.49 28.05
C ARG A 110 -9.79 -7.39 28.39
N ILE A 111 -9.48 -7.32 29.67
CA ILE A 111 -8.12 -7.05 30.12
C ILE A 111 -7.64 -8.12 31.09
N HIS A 112 -6.63 -8.88 30.68
CA HIS A 112 -6.03 -9.93 31.53
C HIS A 112 -5.60 -9.38 32.88
N PRO A 113 -5.89 -10.12 33.96
CA PRO A 113 -5.57 -9.66 35.33
C PRO A 113 -4.11 -9.28 35.59
N SER A 114 -3.18 -9.73 34.75
CA SER A 114 -1.77 -9.35 34.91
C SER A 114 -1.37 -8.03 34.23
N ALA A 115 -2.22 -7.50 33.35
CA ALA A 115 -1.93 -6.22 32.71
C ALA A 115 -1.96 -5.02 33.66
N VAL A 116 -1.02 -4.09 33.49
CA VAL A 116 -0.96 -2.88 34.33
C VAL A 116 -1.43 -1.69 33.50
N ILE A 117 -2.56 -1.10 33.90
CA ILE A 117 -3.15 0.02 33.17
C ILE A 117 -3.24 1.25 34.05
N SER A 118 -2.52 2.29 33.66
CA SER A 118 -2.55 3.56 34.33
C SER A 118 -3.97 4.10 34.45
N GLU A 119 -4.26 4.72 35.59
CA GLU A 119 -5.62 5.20 35.89
C GLU A 119 -5.92 6.48 35.10
N THR A 120 -4.92 6.93 34.35
CA THR A 120 -5.04 8.11 33.52
C THR A 120 -4.93 7.72 32.04
N ALA A 121 -4.98 6.42 31.77
CA ALA A 121 -5.07 5.91 30.43
C ALA A 121 -6.54 5.79 30.05
N TYR A 122 -6.83 5.77 28.76
CA TYR A 122 -8.16 5.42 28.27
C TYR A 122 -8.10 4.19 27.38
N ILE A 123 -9.04 3.27 27.61
CA ILE A 123 -9.15 2.04 26.82
C ILE A 123 -10.54 1.94 26.21
N GLY A 124 -10.60 1.99 24.88
CA GLY A 124 -11.86 2.06 24.17
C GLY A 124 -12.73 0.82 24.31
N HIS A 125 -13.91 0.86 23.70
CA HIS A 125 -14.76 -0.31 23.62
C HIS A 125 -14.08 -1.44 22.86
N TYR A 126 -14.32 -2.66 23.31
CA TYR A 126 -13.87 -3.87 22.60
C TYR A 126 -12.35 -3.93 22.36
N VAL A 127 -11.58 -3.41 23.31
CA VAL A 127 -10.15 -3.60 23.31
C VAL A 127 -9.80 -4.97 23.95
N VAL A 128 -8.72 -5.57 23.47
CA VAL A 128 -8.18 -6.81 24.02
C VAL A 128 -6.71 -6.60 24.40
N ILE A 129 -6.36 -7.03 25.60
CA ILE A 129 -5.04 -6.79 26.19
C ILE A 129 -4.56 -8.08 26.87
N GLY A 130 -3.40 -8.59 26.43
CA GLY A 130 -2.93 -9.89 26.91
C GLY A 130 -2.22 -9.87 28.26
N GLU A 131 -1.56 -10.98 28.57
CA GLU A 131 -0.85 -11.16 29.82
C GLU A 131 0.41 -10.32 29.84
N ASN A 132 0.66 -9.66 30.95
CA ASN A 132 1.90 -8.92 31.19
C ASN A 132 2.10 -7.72 30.27
N CYS A 133 0.99 -7.10 29.87
CA CYS A 133 1.04 -5.84 29.12
C CYS A 133 1.01 -4.65 30.06
N VAL A 134 1.71 -3.59 29.67
CA VAL A 134 1.71 -2.35 30.45
C VAL A 134 1.14 -1.25 29.57
N VAL A 135 0.12 -0.56 30.07
CA VAL A 135 -0.29 0.67 29.40
C VAL A 135 -0.01 1.84 30.33
N GLY A 136 0.85 2.74 29.85
CA GLY A 136 1.33 3.88 30.63
C GLY A 136 0.44 5.09 30.74
N ASP A 137 0.91 6.06 31.50
CA ASP A 137 0.14 7.24 31.88
C ASP A 137 -0.38 8.01 30.68
N ASN A 138 -1.65 8.43 30.76
CA ASN A 138 -2.24 9.32 29.77
C ASN A 138 -2.40 8.71 28.37
N THR A 139 -2.25 7.38 28.25
CA THR A 139 -2.29 6.73 26.94
C THR A 139 -3.72 6.37 26.52
N VAL A 140 -4.02 6.67 25.26
CA VAL A 140 -5.32 6.36 24.66
C VAL A 140 -5.16 5.15 23.76
N ILE A 141 -5.92 4.09 24.07
CA ILE A 141 -6.02 2.97 23.18
C ILE A 141 -7.46 2.87 22.74
N GLN A 142 -7.71 3.26 21.49
CA GLN A 142 -9.06 3.40 20.95
C GLN A 142 -9.72 2.05 20.78
N SER A 143 -10.99 2.08 20.39
CA SER A 143 -11.83 0.87 20.40
C SER A 143 -11.37 -0.21 19.43
N HIS A 144 -11.70 -1.47 19.76
CA HIS A 144 -11.52 -2.62 18.87
C HIS A 144 -10.08 -3.06 18.72
N THR A 145 -9.14 -2.25 19.18
CA THR A 145 -7.70 -2.53 19.04
C THR A 145 -7.23 -3.65 19.96
N LYS A 146 -6.22 -4.47 19.52
CA LYS A 146 -5.71 -5.45 20.46
C LYS A 146 -4.17 -5.38 20.68
N LEU A 147 -3.87 -5.63 21.97
CA LEU A 147 -2.52 -5.71 22.50
C LEU A 147 -2.28 -7.13 22.97
N ASP A 148 -1.56 -7.93 22.16
CA ASP A 148 -1.21 -9.31 22.55
C ASP A 148 -0.28 -9.31 23.75
N ASP A 149 0.00 -10.53 24.24
CA ASP A 149 0.82 -10.74 25.41
C ASP A 149 2.18 -10.05 25.32
N ASN A 150 2.60 -9.50 26.46
CA ASN A 150 3.94 -8.94 26.63
C ASN A 150 4.21 -7.63 25.90
N VAL A 151 3.20 -7.11 25.22
CA VAL A 151 3.28 -5.79 24.60
C VAL A 151 3.33 -4.70 25.66
N GLU A 152 4.16 -3.69 25.47
CA GLU A 152 4.22 -2.55 26.39
C GLU A 152 4.07 -1.22 25.65
N VAL A 153 3.30 -0.31 26.23
CA VAL A 153 3.04 0.99 25.63
C VAL A 153 3.33 2.08 26.67
N GLY A 154 4.29 2.95 26.38
CA GLY A 154 4.71 3.97 27.33
C GLY A 154 3.66 5.01 27.66
N LYS A 155 4.12 6.24 27.84
CA LYS A 155 3.26 7.34 28.31
C LYS A 155 2.87 8.28 27.20
N ASP A 156 1.72 8.93 27.34
CA ASP A 156 1.23 9.93 26.35
C ASP A 156 1.14 9.37 24.92
N CYS A 157 0.99 8.05 24.82
CA CYS A 157 0.83 7.39 23.54
C CYS A 157 -0.61 7.50 23.03
N PHE A 158 -0.75 7.47 21.71
CA PHE A 158 -2.05 7.33 21.06
C PHE A 158 -2.03 6.13 20.11
N ILE A 159 -2.97 5.21 20.33
CA ILE A 159 -3.15 4.06 19.46
C ILE A 159 -4.61 4.03 19.04
N ASP A 160 -4.84 3.98 17.73
CA ASP A 160 -6.17 4.12 17.19
C ASP A 160 -6.84 2.77 17.04
N SER A 161 -7.98 2.75 16.36
CA SER A 161 -8.80 1.53 16.20
C SER A 161 -8.23 0.54 15.20
N TYR A 162 -8.55 -0.73 15.43
CA TYR A 162 -8.17 -1.83 14.52
C TYR A 162 -6.65 -2.03 14.45
N VAL A 163 -5.96 -1.60 15.50
CA VAL A 163 -4.52 -1.77 15.58
C VAL A 163 -4.19 -3.10 16.22
N THR A 164 -3.24 -3.80 15.61
CA THR A 164 -2.63 -4.99 16.17
C THR A 164 -1.23 -4.64 16.65
N ILE A 165 -0.96 -4.88 17.92
CA ILE A 165 0.43 -4.86 18.42
C ILE A 165 0.72 -6.20 19.04
N THR A 166 1.49 -7.00 18.32
CA THR A 166 1.84 -8.37 18.70
C THR A 166 3.36 -8.43 18.73
N GLY A 167 3.91 -9.65 18.70
CA GLY A 167 5.35 -9.88 18.75
C GLY A 167 5.98 -9.33 20.01
N SER A 168 5.15 -9.17 21.04
CA SER A 168 5.60 -8.66 22.35
C SER A 168 6.30 -7.33 22.21
N SER A 169 5.80 -6.49 21.30
CA SER A 169 6.46 -5.21 20.99
C SER A 169 6.46 -4.24 22.15
N LYS A 170 7.60 -3.56 22.33
CA LYS A 170 7.69 -2.48 23.30
C LYS A 170 7.61 -1.08 22.65
N LEU A 171 6.73 -0.24 23.19
CA LEU A 171 6.56 1.15 22.75
C LEU A 171 6.91 2.11 23.88
N ARG A 172 7.70 3.13 23.55
CA ARG A 172 8.11 4.12 24.53
C ARG A 172 7.05 5.23 24.69
N ASP A 173 7.46 6.48 24.83
CA ASP A 173 6.51 7.54 25.15
C ASP A 173 6.16 8.42 23.96
N ARG A 174 4.96 9.01 24.01
CA ARG A 174 4.47 9.86 22.93
C ARG A 174 4.48 9.14 21.58
N VAL A 175 4.10 7.87 21.57
CA VAL A 175 4.06 7.09 20.35
C VAL A 175 2.66 7.17 19.75
N ARG A 176 2.59 7.47 18.45
CA ARG A 176 1.32 7.66 17.79
C ARG A 176 1.18 6.70 16.61
N ILE A 177 0.22 5.79 16.72
CA ILE A 177 -0.01 4.76 15.71
C ILE A 177 -1.45 4.76 15.24
N HIS A 178 -1.62 4.90 13.92
CA HIS A 178 -2.94 5.13 13.34
C HIS A 178 -3.67 3.86 12.94
N SER A 179 -4.95 4.02 12.59
CA SER A 179 -5.90 2.91 12.37
C SER A 179 -5.50 1.79 11.41
N SER A 180 -5.85 0.56 11.80
CA SER A 180 -5.61 -0.70 11.07
C SER A 180 -4.14 -1.02 10.67
N THR A 181 -3.19 -0.49 11.42
CA THR A 181 -1.79 -0.81 11.32
C THR A 181 -1.52 -2.11 12.08
N VAL A 182 -0.57 -2.92 11.64
CA VAL A 182 -0.16 -4.13 12.36
C VAL A 182 1.28 -3.92 12.77
N ILE A 183 1.54 -3.99 14.08
CA ILE A 183 2.90 -3.84 14.66
C ILE A 183 3.35 -5.13 15.32
N GLY A 184 4.47 -5.68 14.85
CA GLY A 184 5.00 -6.92 15.42
C GLY A 184 4.55 -8.18 14.71
N GLY A 185 3.80 -8.04 13.61
CA GLY A 185 3.41 -9.19 12.81
C GLY A 185 4.55 -10.04 12.28
N GLU A 186 4.25 -11.30 11.98
CA GLU A 186 5.23 -12.24 11.49
C GLU A 186 5.76 -11.78 10.13
N GLY A 187 7.07 -11.54 10.06
CA GLY A 187 7.75 -11.12 8.83
C GLY A 187 7.86 -12.20 7.79
N PHE A 188 8.49 -11.90 6.65
CA PHE A 188 8.46 -12.72 5.44
C PHE A 188 9.70 -13.64 5.37
N GLY A 189 9.69 -14.66 6.24
CA GLY A 189 10.80 -15.56 6.38
C GLY A 189 10.50 -16.89 5.76
N PHE A 190 11.03 -17.10 4.55
CA PHE A 190 10.77 -18.30 3.79
C PHE A 190 12.01 -18.83 3.11
N ALA A 191 12.28 -20.12 3.32
CA ALA A 191 13.45 -20.81 2.74
C ALA A 191 13.10 -21.59 1.47
N PRO A 192 13.84 -21.31 0.36
CA PRO A 192 13.66 -22.02 -0.93
C PRO A 192 14.36 -23.37 -0.96
N TYR A 193 13.67 -24.40 -1.45
CA TYR A 193 14.28 -25.71 -1.64
C TYR A 193 13.44 -26.52 -2.60
N GLN A 194 14.07 -26.97 -3.68
CA GLN A 194 13.45 -27.84 -4.69
C GLN A 194 12.07 -27.38 -5.18
N GLY A 195 11.93 -26.08 -5.45
CA GLY A 195 10.67 -25.51 -5.92
C GLY A 195 9.54 -25.43 -4.88
N LYS A 196 9.89 -25.50 -3.60
CA LYS A 196 8.94 -25.21 -2.52
C LYS A 196 9.49 -24.10 -1.64
N TRP A 197 8.60 -23.37 -0.98
CA TRP A 197 8.98 -22.39 0.02
C TRP A 197 8.65 -22.96 1.40
N HIS A 198 9.54 -22.78 2.36
CA HIS A 198 9.33 -23.33 3.69
C HIS A 198 9.33 -22.22 4.69
N ARG A 199 8.23 -22.10 5.42
CA ARG A 199 8.04 -21.10 6.45
C ARG A 199 9.00 -21.29 7.62
N ILE A 200 9.62 -20.20 8.03
CA ILE A 200 10.37 -20.08 9.26
C ILE A 200 9.62 -19.12 10.18
N ALA A 201 9.25 -19.59 11.36
CA ALA A 201 8.52 -18.78 12.37
C ALA A 201 9.44 -17.72 12.97
N GLN A 202 8.93 -16.51 13.21
CA GLN A 202 9.75 -15.35 13.52
C GLN A 202 9.65 -15.02 14.99
N LEU A 203 10.79 -14.91 15.68
CA LEU A 203 10.77 -14.94 17.16
C LEU A 203 11.35 -13.70 17.87
N GLY A 204 11.76 -12.71 17.09
CA GLY A 204 12.12 -11.42 17.66
C GLY A 204 10.91 -10.50 17.82
N SER A 205 11.18 -9.21 17.96
CA SER A 205 10.17 -8.26 18.41
C SER A 205 10.31 -6.90 17.71
N VAL A 206 9.54 -5.91 18.18
CA VAL A 206 9.64 -4.52 17.69
C VAL A 206 9.90 -3.58 18.85
N LEU A 207 10.94 -2.75 18.70
CA LEU A 207 11.17 -1.65 19.65
C LEU A 207 10.94 -0.31 19.01
N ILE A 208 9.92 0.39 19.52
CA ILE A 208 9.60 1.74 19.06
C ILE A 208 9.96 2.79 20.12
N GLY A 209 10.77 3.77 19.69
CA GLY A 209 11.27 4.83 20.57
C GLY A 209 10.23 5.88 20.89
N ASN A 210 10.66 6.90 21.64
CA ASN A 210 9.86 8.08 21.94
C ASN A 210 9.52 8.91 20.69
N ASP A 211 8.36 9.58 20.71
CA ASP A 211 7.96 10.53 19.65
C ASP A 211 7.97 9.93 18.24
N VAL A 212 7.44 8.73 18.10
CA VAL A 212 7.37 8.09 16.79
C VAL A 212 5.92 8.13 16.31
N ARG A 213 5.72 8.55 15.06
CA ARG A 213 4.41 8.48 14.45
C ARG A 213 4.41 7.42 13.40
N ILE A 214 3.32 6.68 13.34
CA ILE A 214 3.08 5.72 12.29
C ILE A 214 1.63 5.90 11.84
N GLY A 215 1.44 5.93 10.53
CA GLY A 215 0.15 6.14 9.94
C GLY A 215 -0.71 4.91 9.82
N SER A 216 -1.83 5.07 9.12
CA SER A 216 -2.80 4.00 8.89
C SER A 216 -2.34 2.97 7.87
N ASN A 217 -2.87 1.75 8.00
CA ASN A 217 -2.56 0.62 7.12
C ASN A 217 -1.06 0.40 6.93
N CYS A 218 -0.32 0.57 8.02
CA CYS A 218 1.09 0.23 8.01
C CYS A 218 1.31 -1.19 8.53
N SER A 219 2.45 -1.74 8.12
CA SER A 219 2.92 -3.04 8.57
C SER A 219 4.39 -2.96 9.02
N ILE A 220 4.58 -2.99 10.33
CA ILE A 220 5.91 -3.01 10.93
C ILE A 220 6.19 -4.39 11.48
N ASP A 221 6.91 -5.23 10.72
CA ASP A 221 7.07 -6.63 11.07
C ASP A 221 8.06 -6.81 12.22
N ARG A 222 7.88 -7.88 12.98
CA ARG A 222 8.86 -8.17 14.03
C ARG A 222 10.16 -8.67 13.38
N GLY A 223 11.25 -8.64 14.13
CA GLY A 223 12.50 -9.23 13.66
C GLY A 223 12.44 -10.75 13.80
N ALA A 224 13.31 -11.44 13.06
CA ALA A 224 13.42 -12.91 13.08
C ALA A 224 13.82 -13.51 14.45
N LEU A 225 14.58 -12.74 15.24
CA LEU A 225 15.22 -13.19 16.47
C LEU A 225 15.66 -11.96 17.26
N ASP A 226 16.52 -11.17 16.63
CA ASP A 226 16.81 -9.80 17.01
C ASP A 226 15.61 -8.95 16.58
N ASN A 227 15.75 -7.64 16.66
CA ASN A 227 14.60 -6.78 16.52
C ASN A 227 14.55 -5.88 15.31
N THR A 228 13.31 -5.57 14.92
CA THR A 228 13.03 -4.37 14.17
C THR A 228 13.07 -3.21 15.16
N ILE A 229 13.85 -2.19 14.83
CA ILE A 229 14.03 -1.01 15.64
C ILE A 229 13.67 0.29 14.93
N LEU A 230 12.77 1.08 15.52
CA LEU A 230 12.54 2.47 15.12
C LEU A 230 13.02 3.42 16.24
N GLU A 231 14.10 4.13 15.99
CA GLU A 231 14.70 5.05 16.96
C GLU A 231 13.83 6.29 17.25
N ASP A 232 14.15 7.07 18.28
CA ASP A 232 13.30 8.22 18.72
C ASP A 232 13.03 9.20 17.58
N GLY A 233 11.79 9.68 17.48
CA GLY A 233 11.43 10.72 16.52
C GLY A 233 11.22 10.28 15.08
N VAL A 234 11.19 8.98 14.81
CA VAL A 234 10.96 8.56 13.44
C VAL A 234 9.50 8.85 13.06
N ILE A 235 9.30 9.32 11.84
CA ILE A 235 7.95 9.57 11.41
C ILE A 235 7.66 8.78 10.15
N ILE A 236 6.56 8.03 10.19
CA ILE A 236 6.18 7.14 9.10
C ILE A 236 4.75 7.42 8.69
N ASP A 237 4.56 7.59 7.37
CA ASP A 237 3.25 7.93 6.81
C ASP A 237 2.45 6.67 6.50
N ASN A 238 1.30 6.83 5.86
CA ASN A 238 0.36 5.74 5.60
C ASN A 238 0.87 4.70 4.62
N LEU A 239 0.39 3.46 4.78
CA LEU A 239 0.64 2.36 3.83
C LEU A 239 2.13 2.03 3.63
N VAL A 240 2.90 2.09 4.70
CA VAL A 240 4.32 1.78 4.64
C VAL A 240 4.63 0.35 5.08
N GLN A 241 5.60 -0.29 4.40
CA GLN A 241 6.09 -1.62 4.78
C GLN A 241 7.51 -1.54 5.33
N ILE A 242 7.64 -1.96 6.58
CA ILE A 242 8.90 -2.05 7.31
C ILE A 242 9.07 -3.54 7.58
N ALA A 243 10.05 -4.15 6.94
CA ALA A 243 10.26 -5.58 7.11
C ALA A 243 10.98 -5.96 8.42
N HIS A 244 11.07 -7.27 8.67
CA HIS A 244 11.82 -7.84 9.78
C HIS A 244 13.23 -7.28 9.88
N ASN A 245 13.65 -6.95 11.11
CA ASN A 245 15.02 -6.56 11.40
C ASN A 245 15.50 -5.25 10.78
N VAL A 246 14.58 -4.49 10.20
CA VAL A 246 14.90 -3.19 9.64
C VAL A 246 15.19 -2.26 10.82
N HIS A 247 16.20 -1.42 10.66
CA HIS A 247 16.62 -0.48 11.69
C HIS A 247 16.58 0.94 11.10
N ILE A 248 15.77 1.82 11.68
CA ILE A 248 15.68 3.20 11.20
C ILE A 248 16.16 4.16 12.28
N GLY A 249 17.16 4.97 11.94
CA GLY A 249 17.78 5.87 12.89
C GLY A 249 16.91 7.08 13.17
N SER A 250 17.31 7.88 14.16
CA SER A 250 16.46 8.92 14.74
C SER A 250 16.01 9.99 13.76
N ASN A 251 14.78 10.45 13.94
CA ASN A 251 14.19 11.54 13.13
C ASN A 251 14.04 11.36 11.60
N THR A 252 14.35 10.17 11.09
CA THR A 252 14.17 9.85 9.69
C THR A 252 12.67 9.86 9.35
N ALA A 253 12.30 10.50 8.24
CA ALA A 253 10.90 10.54 7.79
C ALA A 253 10.71 9.57 6.64
N ILE A 254 9.64 8.77 6.69
CA ILE A 254 9.30 7.84 5.59
C ILE A 254 7.88 8.13 5.12
N ALA A 255 7.83 8.71 3.91
CA ALA A 255 6.59 9.17 3.31
C ALA A 255 5.76 7.98 2.90
N ALA A 256 4.48 8.26 2.60
CA ALA A 256 3.50 7.25 2.24
C ALA A 256 3.98 6.24 1.20
N LYS A 257 3.64 4.97 1.45
CA LYS A 257 3.80 3.87 0.48
C LYS A 257 5.23 3.42 0.24
N CYS A 258 6.18 3.81 1.10
CA CYS A 258 7.53 3.24 0.99
C CYS A 258 7.54 1.79 1.44
N GLY A 259 8.55 1.05 0.98
CA GLY A 259 8.76 -0.33 1.39
C GLY A 259 10.24 -0.56 1.68
N ILE A 260 10.57 -0.93 2.91
CA ILE A 260 11.94 -1.29 3.29
C ILE A 260 12.03 -2.81 3.54
N ALA A 261 12.86 -3.47 2.74
CA ALA A 261 13.00 -4.92 2.81
C ALA A 261 13.87 -5.28 4.00
N GLY A 262 13.75 -6.54 4.44
CA GLY A 262 14.27 -6.98 5.74
C GLY A 262 15.77 -6.84 5.94
N SER A 263 16.13 -6.52 7.18
CA SER A 263 17.50 -6.39 7.64
C SER A 263 18.22 -5.17 7.06
N THR A 264 17.48 -4.17 6.60
CA THR A 264 18.12 -2.93 6.08
C THR A 264 18.24 -1.84 7.15
N LYS A 265 19.44 -1.26 7.26
CA LYS A 265 19.71 -0.18 8.22
C LYS A 265 19.57 1.17 7.56
N ILE A 266 18.79 2.05 8.16
CA ILE A 266 18.65 3.42 7.66
C ILE A 266 19.11 4.42 8.72
N GLY A 267 19.98 5.34 8.30
CA GLY A 267 20.68 6.27 9.19
C GLY A 267 19.80 7.29 9.87
N LYS A 268 20.43 8.20 10.62
CA LYS A 268 19.71 9.31 11.28
C LYS A 268 19.28 10.32 10.21
N ASN A 269 18.27 11.11 10.54
CA ASN A 269 17.75 12.18 9.68
C ASN A 269 17.75 11.88 8.20
N CYS A 270 17.24 10.72 7.84
CA CYS A 270 17.00 10.45 6.44
C CYS A 270 15.60 10.91 6.03
N ILE A 271 15.43 11.20 4.76
CA ILE A 271 14.13 11.61 4.25
C ILE A 271 13.83 10.88 2.97
N LEU A 272 12.80 10.06 3.00
CA LEU A 272 12.35 9.35 1.82
C LEU A 272 10.97 9.83 1.41
N ALA A 273 10.85 10.25 0.15
CA ALA A 273 9.56 10.66 -0.38
C ALA A 273 8.66 9.45 -0.63
N GLY A 274 7.47 9.71 -1.16
CA GLY A 274 6.44 8.69 -1.36
C GLY A 274 6.77 7.60 -2.35
N ALA A 275 6.49 6.36 -1.97
CA ALA A 275 6.56 5.18 -2.84
C ALA A 275 7.98 4.75 -3.22
N CYS A 276 8.93 4.99 -2.33
CA CYS A 276 10.30 4.55 -2.56
C CYS A 276 10.40 3.07 -2.23
N GLY A 277 11.34 2.40 -2.88
CA GLY A 277 11.57 1.01 -2.59
C GLY A 277 13.03 0.72 -2.32
N VAL A 278 13.30 0.24 -1.12
CA VAL A 278 14.64 -0.04 -0.69
C VAL A 278 14.74 -1.55 -0.41
N ALA A 279 15.65 -2.21 -1.13
CA ALA A 279 15.87 -3.64 -1.01
C ALA A 279 16.48 -4.08 0.34
N GLY A 280 16.69 -5.40 0.50
CA GLY A 280 17.13 -5.99 1.76
C GLY A 280 18.64 -6.03 1.91
N HIS A 281 19.07 -6.16 3.17
CA HIS A 281 20.47 -6.20 3.60
C HIS A 281 21.32 -5.05 3.12
N LEU A 282 20.74 -3.85 3.18
CA LEU A 282 21.42 -2.64 2.71
C LEU A 282 21.71 -1.70 3.84
N SER A 283 22.74 -0.87 3.66
CA SER A 283 23.02 0.20 4.63
C SER A 283 22.80 1.57 3.97
N ILE A 284 22.10 2.47 4.65
CA ILE A 284 21.91 3.83 4.12
C ILE A 284 22.37 4.85 5.16
N ALA A 285 23.24 5.75 4.73
CA ALA A 285 23.94 6.69 5.61
C ALA A 285 23.02 7.77 6.13
N ASP A 286 23.36 8.35 7.28
CA ASP A 286 22.61 9.47 7.84
C ASP A 286 22.41 10.52 6.76
N ASN A 287 21.41 11.38 6.91
CA ASN A 287 21.24 12.56 6.05
C ASN A 287 21.18 12.24 4.55
N VAL A 288 20.38 11.22 4.24
CA VAL A 288 20.09 10.82 2.87
C VAL A 288 18.64 11.13 2.53
N THR A 289 18.47 11.82 1.41
CA THR A 289 17.15 12.14 0.89
C THR A 289 16.90 11.36 -0.40
N LEU A 290 15.70 10.79 -0.51
CA LEU A 290 15.30 10.09 -1.72
C LEU A 290 14.00 10.70 -2.23
N THR A 291 13.98 10.96 -3.52
CA THR A 291 12.86 11.58 -4.17
C THR A 291 11.83 10.51 -4.51
N GLY A 292 10.60 10.95 -4.79
CA GLY A 292 9.47 10.05 -4.98
C GLY A 292 9.71 8.86 -5.90
N MET A 293 9.29 7.67 -5.47
CA MET A 293 9.38 6.46 -6.28
C MET A 293 10.78 5.96 -6.63
N SER A 294 11.78 6.39 -5.86
CA SER A 294 13.15 5.95 -6.06
C SER A 294 13.37 4.49 -5.60
N MET A 295 14.29 3.81 -6.28
CA MET A 295 14.57 2.41 -5.93
C MET A 295 16.02 2.30 -5.49
N VAL A 296 16.28 1.54 -4.44
CA VAL A 296 17.62 1.40 -3.91
C VAL A 296 17.96 -0.08 -3.76
N THR A 297 19.05 -0.49 -4.40
CA THR A 297 19.41 -1.90 -4.47
C THR A 297 20.82 -2.15 -4.00
N LYS A 298 21.57 -1.06 -3.82
CA LYS A 298 22.94 -1.04 -3.27
C LYS A 298 23.04 -0.13 -2.05
N ASN A 299 24.10 -0.28 -1.24
CA ASN A 299 24.39 0.63 -0.12
C ASN A 299 24.59 2.07 -0.59
N ILE A 300 24.21 3.01 0.26
CA ILE A 300 24.50 4.43 0.03
C ILE A 300 25.36 4.88 1.20
N SER A 301 26.63 5.13 0.93
CA SER A 301 27.60 5.45 1.98
C SER A 301 27.80 6.95 2.25
N GLU A 302 27.41 7.81 1.31
CA GLU A 302 27.59 9.27 1.46
C GLU A 302 26.24 9.98 1.63
N ALA A 303 26.20 11.03 2.45
CA ALA A 303 25.02 11.90 2.56
C ALA A 303 24.58 12.50 1.21
N GLY A 304 23.31 12.89 1.11
CA GLY A 304 22.86 13.51 -0.12
C GLY A 304 21.49 13.11 -0.62
N THR A 305 21.13 13.72 -1.74
CA THR A 305 19.84 13.56 -2.37
C THR A 305 20.02 12.65 -3.56
N TYR A 306 19.24 11.57 -3.58
CA TYR A 306 19.31 10.59 -4.65
C TYR A 306 17.94 10.37 -5.31
N SER A 307 17.96 9.78 -6.51
CA SER A 307 16.77 9.73 -7.36
C SER A 307 16.91 8.64 -8.42
N SER A 308 15.77 8.04 -8.76
CA SER A 308 15.65 7.14 -9.91
C SER A 308 14.35 7.43 -10.64
N GLY A 309 14.22 6.92 -11.87
CA GLY A 309 13.04 7.19 -12.71
C GLY A 309 13.33 8.06 -13.92
N THR A 310 12.41 8.07 -14.86
CA THR A 310 12.60 8.79 -16.11
C THR A 310 12.14 10.26 -16.06
N GLY A 311 11.35 10.64 -15.06
CA GLY A 311 10.54 11.86 -15.16
C GLY A 311 9.31 11.62 -16.03
N LEU A 312 8.44 12.60 -16.16
CA LEU A 312 7.19 12.41 -16.92
C LEU A 312 7.37 12.79 -18.40
N PHE A 313 6.78 12.02 -19.30
CA PHE A 313 6.73 12.36 -20.73
C PHE A 313 5.29 12.32 -21.14
N GLU A 314 4.88 13.18 -22.09
CA GLU A 314 3.63 12.94 -22.82
C GLU A 314 3.76 11.54 -23.41
N ASN A 315 2.65 10.80 -23.43
CA ASN A 315 2.67 9.40 -23.86
C ASN A 315 3.37 9.12 -25.17
N ASN A 316 3.11 9.93 -26.19
CA ASN A 316 3.67 9.64 -27.50
C ASN A 316 5.18 9.87 -27.56
N HIS A 317 5.62 10.99 -26.98
CA HIS A 317 7.04 11.25 -26.74
C HIS A 317 7.70 10.13 -25.89
N TRP A 318 7.02 9.70 -24.83
CA TRP A 318 7.47 8.59 -23.98
C TRP A 318 7.79 7.35 -24.78
N LYS A 319 6.83 6.96 -25.64
CA LYS A 319 6.96 5.75 -26.44
C LYS A 319 8.17 5.79 -27.35
N LYS A 320 8.41 6.91 -28.00
CA LYS A 320 9.58 7.05 -28.86
C LYS A 320 10.88 7.01 -28.04
N THR A 321 10.83 7.48 -26.80
CA THR A 321 11.97 7.47 -25.88
C THR A 321 12.34 6.05 -25.42
N ILE A 322 11.33 5.22 -25.18
CA ILE A 322 11.63 3.85 -24.76
C ILE A 322 12.05 3.03 -25.98
N VAL A 323 11.63 3.45 -27.17
CA VAL A 323 12.19 2.84 -28.38
C VAL A 323 13.71 3.09 -28.39
N ARG A 324 14.08 4.31 -28.04
CA ARG A 324 15.48 4.71 -27.98
C ARG A 324 16.23 4.02 -26.83
N LEU A 325 15.57 3.84 -25.68
CA LEU A 325 16.19 3.14 -24.53
C LEU A 325 16.54 1.71 -24.89
N ARG A 326 15.60 1.03 -25.53
CA ARG A 326 15.79 -0.36 -25.96
C ARG A 326 16.95 -0.49 -26.94
N GLN A 327 17.34 0.62 -27.55
CA GLN A 327 18.39 0.66 -28.55
C GLN A 327 19.75 0.94 -27.92
N LEU A 328 19.72 1.68 -26.80
CA LEU A 328 20.93 2.16 -26.13
C LEU A 328 22.03 1.12 -26.01
N ALA A 329 21.65 -0.10 -25.63
CA ALA A 329 22.59 -1.18 -25.45
C ALA A 329 23.41 -1.50 -26.72
N ASP A 330 22.79 -1.38 -27.88
CA ASP A 330 23.46 -1.78 -29.14
C ASP A 330 24.41 -0.72 -29.69
N VAL A 331 24.18 0.54 -29.34
CA VAL A 331 25.06 1.65 -29.72
C VAL A 331 26.37 1.64 -28.92
N PRO A 332 27.53 1.72 -29.61
CA PRO A 332 28.85 1.91 -28.97
C PRO A 332 29.00 3.31 -28.35
N LEU A 333 28.07 3.65 -27.46
CA LEU A 333 27.92 4.98 -26.86
C LEU A 333 29.18 5.79 -26.56
N THR A 334 30.19 5.19 -25.94
CA THR A 334 31.42 5.95 -25.57
C THR A 334 32.48 5.95 -26.67
N GLN A 335 32.32 5.07 -27.65
CA GLN A 335 33.29 4.89 -28.73
C GLN A 335 33.15 5.96 -29.83
N ILE A 336 32.19 6.86 -29.67
CA ILE A 336 31.75 7.71 -30.77
C ILE A 336 32.18 9.17 -30.68
N THR A 337 32.48 9.63 -29.46
CA THR A 337 33.27 10.85 -29.29
C THR A 337 34.68 10.57 -29.79
N LYS A 338 35.11 9.32 -29.63
CA LYS A 338 36.40 8.85 -30.14
C LYS A 338 36.42 8.79 -31.68
N ARG A 339 35.36 8.27 -32.30
CA ARG A 339 35.27 8.21 -33.76
C ARG A 339 35.10 9.57 -34.42
N LEU A 340 34.36 10.47 -33.76
CA LEU A 340 34.21 11.86 -34.23
C LEU A 340 35.56 12.56 -34.14
N ASP A 341 36.27 12.30 -33.04
CA ASP A 341 37.62 12.81 -32.83
C ASP A 341 38.51 12.43 -34.03
N HIS A 342 38.38 11.18 -34.47
CA HIS A 342 39.14 10.65 -35.60
C HIS A 342 38.71 11.28 -36.93
N ILE A 343 37.42 11.55 -37.08
CA ILE A 343 36.87 12.12 -38.30
C ILE A 343 37.31 13.57 -38.46
N GLN A 344 37.17 14.34 -37.37
CA GLN A 344 37.62 15.74 -37.34
C GLN A 344 39.13 15.84 -37.56
N ALA A 345 39.88 14.82 -37.13
CA ALA A 345 41.32 14.77 -37.36
C ALA A 345 41.69 14.58 -38.83
N GLN A 346 40.82 13.95 -39.61
CA GLN A 346 41.10 13.81 -41.04
C GLN A 346 40.43 14.87 -41.92
N ILE A 347 39.76 15.81 -41.28
CA ILE A 347 39.41 17.06 -41.93
C ILE A 347 40.50 18.09 -41.60
N GLU A 348 40.99 18.03 -40.35
CA GLU A 348 42.09 18.88 -39.86
C GLU A 348 43.24 19.02 -40.86
N SER A 349 43.68 17.89 -41.42
CA SER A 349 44.76 17.88 -42.42
C SER A 349 44.28 18.39 -43.79
N LEU A 350 43.03 18.07 -44.13
CA LEU A 350 42.40 18.56 -45.35
C LEU A 350 41.99 20.03 -45.22
N GLN B 6 -33.05 -18.58 -6.45
CA GLN B 6 -33.95 -17.72 -7.28
C GLN B 6 -33.42 -17.48 -8.70
N GLN B 7 -34.34 -17.30 -9.64
CA GLN B 7 -34.00 -17.19 -11.06
C GLN B 7 -34.71 -16.03 -11.75
N TYR B 8 -34.18 -15.63 -12.90
CA TYR B 8 -34.76 -14.54 -13.67
C TYR B 8 -34.93 -14.94 -15.13
N ARG B 9 -36.05 -14.52 -15.69
CA ARG B 9 -36.42 -14.86 -17.06
C ARG B 9 -35.62 -14.00 -18.05
N LEU B 10 -35.32 -14.56 -19.22
CA LEU B 10 -34.56 -13.85 -20.25
C LEU B 10 -35.20 -12.49 -20.58
N ASP B 11 -36.51 -12.50 -20.80
CA ASP B 11 -37.22 -11.30 -21.24
C ASP B 11 -37.21 -10.20 -20.19
N GLU B 12 -37.16 -10.58 -18.92
CA GLU B 12 -37.08 -9.64 -17.81
C GLU B 12 -35.73 -8.95 -17.79
N LEU B 13 -34.71 -9.67 -18.22
CA LEU B 13 -33.36 -9.11 -18.26
C LEU B 13 -33.18 -8.21 -19.49
N ALA B 14 -33.58 -8.70 -20.66
CA ALA B 14 -33.56 -7.89 -21.89
C ALA B 14 -34.23 -6.53 -21.66
N HIS B 15 -35.33 -6.53 -20.93
CA HIS B 15 -36.09 -5.33 -20.61
C HIS B 15 -35.30 -4.30 -19.80
N LEU B 16 -34.51 -4.80 -18.85
CA LEU B 16 -33.69 -3.97 -17.97
C LEU B 16 -32.56 -3.25 -18.68
N VAL B 17 -32.14 -3.75 -19.85
CA VAL B 17 -31.05 -3.15 -20.60
C VAL B 17 -31.52 -2.53 -21.92
N LYS B 18 -32.85 -2.40 -22.03
CA LYS B 18 -33.54 -1.97 -23.26
C LYS B 18 -33.00 -2.67 -24.51
N GLY B 19 -32.89 -4.00 -24.43
CA GLY B 19 -32.28 -4.81 -25.48
C GLY B 19 -33.25 -5.73 -26.18
N GLU B 20 -32.99 -5.99 -27.45
CA GLU B 20 -33.90 -6.76 -28.27
C GLU B 20 -33.77 -8.26 -27.99
N LEU B 21 -34.87 -8.86 -27.52
CA LEU B 21 -34.90 -10.29 -27.24
C LEU B 21 -35.00 -11.13 -28.51
N ILE B 22 -34.30 -12.26 -28.52
CA ILE B 22 -34.47 -13.27 -29.55
C ILE B 22 -34.48 -14.66 -28.93
N GLY B 23 -35.40 -15.52 -29.39
CA GLY B 23 -35.59 -16.84 -28.82
C GLY B 23 -36.69 -16.83 -27.76
N GLU B 24 -36.59 -17.74 -26.80
CA GLU B 24 -37.58 -17.80 -25.72
C GLU B 24 -37.18 -16.97 -24.49
N GLY B 25 -37.98 -15.95 -24.20
CA GLY B 25 -37.76 -15.12 -23.03
C GLY B 25 -38.08 -15.75 -21.69
N SER B 26 -38.85 -16.84 -21.70
CA SER B 26 -39.27 -17.49 -20.45
C SER B 26 -38.13 -18.27 -19.77
N LEU B 27 -37.05 -18.48 -20.53
CA LEU B 27 -35.82 -19.09 -20.02
C LEU B 27 -35.35 -18.46 -18.72
N GLN B 28 -35.06 -19.30 -17.73
CA GLN B 28 -34.64 -18.81 -16.43
C GLN B 28 -33.18 -19.06 -16.14
N PHE B 29 -32.54 -18.07 -15.52
CA PHE B 29 -31.13 -18.12 -15.22
C PHE B 29 -30.85 -17.98 -13.73
N SER B 30 -29.92 -18.78 -13.24
CA SER B 30 -29.41 -18.70 -11.86
C SER B 30 -28.43 -17.54 -11.64
N ASN B 31 -27.77 -17.14 -12.73
CA ASN B 31 -26.60 -16.28 -12.65
C ASN B 31 -26.11 -15.90 -14.02
N LEU B 32 -25.19 -14.93 -14.05
CA LEU B 32 -24.45 -14.63 -15.25
C LEU B 32 -23.18 -15.44 -15.17
N ALA B 33 -22.63 -15.85 -16.31
CA ALA B 33 -21.40 -16.63 -16.28
C ALA B 33 -20.47 -16.40 -17.48
N SER B 34 -19.19 -16.75 -17.31
CA SER B 34 -18.19 -16.60 -18.35
C SER B 34 -18.45 -17.57 -19.49
N LEU B 35 -17.94 -17.26 -20.68
CA LEU B 35 -18.18 -18.12 -21.84
C LEU B 35 -17.68 -19.55 -21.64
N GLU B 36 -16.76 -19.75 -20.69
CA GLU B 36 -16.13 -21.05 -20.48
C GLU B 36 -16.92 -21.96 -19.51
N ASN B 37 -17.50 -21.38 -18.47
CA ASN B 37 -18.08 -22.18 -17.39
C ASN B 37 -19.59 -22.06 -17.28
N ALA B 38 -20.18 -21.35 -18.24
CA ALA B 38 -21.61 -21.12 -18.27
C ALA B 38 -22.35 -22.36 -18.71
N GLU B 39 -23.33 -22.78 -17.90
CA GLU B 39 -24.23 -23.88 -18.25
C GLU B 39 -25.51 -23.27 -18.83
N VAL B 40 -26.47 -24.12 -19.18
CA VAL B 40 -27.69 -23.63 -19.81
C VAL B 40 -28.54 -22.76 -18.86
N ASN B 41 -28.26 -22.83 -17.56
CA ASN B 41 -28.98 -21.97 -16.61
C ASN B 41 -28.27 -20.63 -16.40
N HIS B 42 -27.30 -20.34 -17.26
CA HIS B 42 -26.52 -19.11 -17.19
C HIS B 42 -26.62 -18.24 -18.44
N LEU B 43 -26.76 -16.94 -18.21
CA LEU B 43 -26.59 -15.92 -19.27
C LEU B 43 -25.13 -15.42 -19.33
N THR B 44 -24.66 -15.15 -20.54
CA THR B 44 -23.27 -14.75 -20.76
C THR B 44 -23.24 -13.51 -21.67
N PHE B 45 -22.06 -12.94 -21.88
CA PHE B 45 -21.90 -11.79 -22.79
C PHE B 45 -20.69 -11.96 -23.68
N VAL B 46 -20.76 -11.31 -24.85
CA VAL B 46 -19.75 -11.39 -25.89
C VAL B 46 -19.35 -9.99 -26.35
N ASN B 47 -18.23 -9.50 -25.83
CA ASN B 47 -17.77 -8.12 -26.08
C ASN B 47 -16.91 -7.93 -27.33
N GLY B 48 -17.51 -7.98 -28.51
CA GLY B 48 -16.77 -7.83 -29.76
C GLY B 48 -16.17 -9.14 -30.25
N GLU B 49 -15.67 -9.15 -31.48
CA GLU B 49 -15.25 -10.38 -32.18
C GLU B 49 -14.14 -11.20 -31.52
N LYS B 50 -13.46 -10.60 -30.55
CA LYS B 50 -12.39 -11.25 -29.79
C LYS B 50 -12.89 -12.45 -28.96
N HIS B 51 -14.18 -12.47 -28.66
CA HIS B 51 -14.77 -13.54 -27.85
C HIS B 51 -15.52 -14.60 -28.67
N LEU B 52 -15.57 -14.42 -29.99
CA LEU B 52 -16.39 -15.23 -30.89
C LEU B 52 -16.19 -16.73 -30.73
N ASP B 53 -14.93 -17.17 -30.80
CA ASP B 53 -14.60 -18.60 -30.71
C ASP B 53 -15.06 -19.24 -29.41
N GLN B 54 -14.78 -18.55 -28.28
CA GLN B 54 -15.16 -19.03 -26.95
C GLN B 54 -16.67 -19.05 -26.83
N ALA B 55 -17.32 -18.06 -27.45
CA ALA B 55 -18.77 -18.02 -27.56
C ALA B 55 -19.31 -19.24 -28.29
N LYS B 56 -18.77 -19.51 -29.50
CA LYS B 56 -19.25 -20.59 -30.39
C LYS B 56 -19.33 -21.96 -29.71
N VAL B 57 -18.31 -22.25 -28.91
CA VAL B 57 -18.14 -23.54 -28.27
C VAL B 57 -18.66 -23.54 -26.81
N SER B 58 -19.31 -22.43 -26.43
CA SER B 58 -19.80 -22.19 -25.07
C SER B 58 -21.10 -22.93 -24.82
N ARG B 59 -21.35 -23.31 -23.57
CA ARG B 59 -22.59 -24.02 -23.21
C ARG B 59 -23.59 -23.13 -22.48
N ALA B 60 -23.43 -21.83 -22.60
CA ALA B 60 -24.36 -20.88 -21.97
C ALA B 60 -25.73 -20.96 -22.62
N GLY B 61 -26.77 -20.71 -21.84
CA GLY B 61 -28.13 -20.79 -22.35
C GLY B 61 -28.48 -19.70 -23.34
N ALA B 62 -28.02 -18.49 -23.05
CA ALA B 62 -28.35 -17.30 -23.84
C ALA B 62 -27.15 -16.36 -23.86
N TYR B 63 -27.16 -15.40 -24.78
CA TYR B 63 -25.94 -14.63 -25.10
C TYR B 63 -26.21 -13.15 -25.33
N ILE B 64 -25.55 -12.28 -24.55
CA ILE B 64 -25.66 -10.84 -24.77
C ILE B 64 -24.67 -10.51 -25.87
N VAL B 65 -25.20 -9.98 -26.98
CA VAL B 65 -24.39 -9.72 -28.17
C VAL B 65 -24.82 -8.45 -28.88
N THR B 66 -23.98 -8.04 -29.82
CA THR B 66 -24.30 -6.97 -30.74
C THR B 66 -24.97 -7.62 -31.96
N ALA B 67 -25.72 -6.84 -32.74
CA ALA B 67 -26.35 -7.33 -34.01
C ALA B 67 -25.35 -8.05 -34.93
N ALA B 68 -24.21 -7.38 -35.20
CA ALA B 68 -23.15 -7.95 -36.04
C ALA B 68 -22.65 -9.31 -35.55
N LEU B 69 -22.45 -9.41 -34.24
CA LEU B 69 -21.97 -10.63 -33.62
C LEU B 69 -22.99 -11.75 -33.70
N LYS B 70 -24.29 -11.43 -33.56
CA LYS B 70 -25.35 -12.45 -33.61
C LYS B 70 -25.35 -13.24 -34.93
N GLU B 71 -25.27 -12.52 -36.05
CA GLU B 71 -25.19 -13.14 -37.38
C GLU B 71 -24.09 -14.23 -37.45
N HIS B 72 -23.02 -14.03 -36.68
CA HIS B 72 -21.89 -14.97 -36.68
C HIS B 72 -22.00 -16.07 -35.64
N LEU B 73 -23.22 -16.25 -35.14
CA LEU B 73 -23.49 -17.14 -34.02
C LEU B 73 -24.78 -17.94 -34.27
N PRO B 74 -24.89 -18.57 -35.45
CA PRO B 74 -26.16 -19.14 -35.92
C PRO B 74 -26.57 -20.47 -35.26
N GLU B 75 -25.60 -21.17 -34.65
CA GLU B 75 -25.88 -22.42 -33.92
C GLU B 75 -26.53 -22.16 -32.54
N LYS B 76 -26.81 -20.89 -32.24
CA LYS B 76 -27.40 -20.50 -30.96
C LYS B 76 -28.80 -19.86 -31.12
N ASP B 77 -29.65 -20.05 -30.12
CA ASP B 77 -31.06 -19.63 -30.23
C ASP B 77 -31.48 -18.42 -29.40
N ASN B 78 -30.81 -18.18 -28.26
CA ASN B 78 -31.26 -17.14 -27.33
C ASN B 78 -30.26 -16.01 -27.13
N PHE B 79 -30.74 -14.78 -27.32
CA PHE B 79 -29.93 -13.58 -27.31
C PHE B 79 -30.63 -12.41 -26.63
N ILE B 80 -29.83 -11.50 -26.08
CA ILE B 80 -30.25 -10.12 -25.91
C ILE B 80 -29.31 -9.31 -26.82
N ILE B 81 -29.91 -8.53 -27.72
CA ILE B 81 -29.14 -7.72 -28.66
C ILE B 81 -29.12 -6.27 -28.20
N VAL B 82 -27.91 -5.73 -28.03
CA VAL B 82 -27.68 -4.36 -27.54
C VAL B 82 -26.46 -3.73 -28.25
N ASP B 83 -26.33 -2.41 -28.16
CA ASP B 83 -25.21 -1.70 -28.75
C ASP B 83 -23.91 -1.95 -27.99
N ASN B 84 -23.97 -1.87 -26.66
CA ASN B 84 -22.82 -2.09 -25.79
C ASN B 84 -23.01 -3.34 -24.89
N PRO B 85 -22.64 -4.51 -25.42
CA PRO B 85 -22.74 -5.77 -24.66
C PRO B 85 -22.14 -5.73 -23.26
N TYR B 86 -21.01 -5.04 -23.11
CA TYR B 86 -20.30 -4.92 -21.83
C TYR B 86 -21.09 -4.11 -20.83
N LEU B 87 -21.54 -2.92 -21.24
CA LEU B 87 -22.37 -2.06 -20.39
C LEU B 87 -23.70 -2.75 -19.98
N ALA B 88 -24.33 -3.45 -20.94
CA ALA B 88 -25.53 -4.26 -20.68
C ALA B 88 -25.26 -5.32 -19.63
N PHE B 89 -24.09 -5.96 -19.74
CA PHE B 89 -23.65 -6.93 -18.75
C PHE B 89 -23.53 -6.25 -17.40
N ALA B 90 -22.72 -5.19 -17.33
CA ALA B 90 -22.61 -4.37 -16.13
C ALA B 90 -23.97 -4.10 -15.46
N ILE B 91 -24.96 -3.68 -16.24
CA ILE B 91 -26.31 -3.43 -15.70
C ILE B 91 -26.91 -4.67 -15.05
N LEU B 92 -26.77 -5.81 -15.71
CA LEU B 92 -27.44 -7.04 -15.28
C LEU B 92 -26.84 -7.70 -14.02
N THR B 93 -25.55 -7.49 -13.79
CA THR B 93 -24.87 -8.09 -12.63
C THR B 93 -25.60 -7.79 -11.33
N HIS B 94 -26.12 -6.59 -11.20
CA HIS B 94 -26.82 -6.16 -10.00
C HIS B 94 -28.11 -6.95 -9.72
N VAL B 95 -28.69 -7.54 -10.77
CA VAL B 95 -29.81 -8.45 -10.63
C VAL B 95 -29.38 -9.64 -9.78
N PHE B 96 -28.19 -10.14 -10.08
CA PHE B 96 -27.71 -11.35 -9.42
C PHE B 96 -26.75 -11.08 -8.27
N ASP B 97 -26.62 -9.83 -7.85
CA ASP B 97 -25.73 -9.52 -6.76
C ASP B 97 -26.42 -9.73 -5.42
N LYS B 98 -25.71 -10.39 -4.51
CA LYS B 98 -26.22 -10.66 -3.16
C LYS B 98 -26.50 -9.35 -2.41
N LYS B 99 -27.78 -9.09 -2.17
CA LYS B 99 -28.24 -7.82 -1.60
C LYS B 99 -28.51 -7.95 -0.11
N ILE B 100 -28.33 -6.86 0.63
CA ILE B 100 -28.59 -6.85 2.08
C ILE B 100 -29.91 -6.16 2.34
N SER B 101 -30.86 -6.90 2.90
CA SER B 101 -32.19 -6.37 3.19
C SER B 101 -32.36 -6.13 4.69
N SER B 102 -31.41 -6.66 5.48
CA SER B 102 -31.46 -6.59 6.94
C SER B 102 -31.66 -5.16 7.41
N THR B 103 -32.38 -5.01 8.53
CA THR B 103 -32.76 -3.68 9.00
C THR B 103 -32.46 -3.52 10.49
N GLY B 104 -32.30 -2.28 10.95
CA GLY B 104 -32.15 -1.99 12.38
C GLY B 104 -30.76 -2.08 12.97
N ILE B 105 -30.70 -2.04 14.30
CA ILE B 105 -29.44 -2.00 15.07
C ILE B 105 -29.24 -3.27 15.95
N GLU B 106 -28.09 -3.93 15.81
CA GLU B 106 -27.71 -5.06 16.67
C GLU B 106 -27.36 -4.55 18.06
N SER B 107 -27.66 -5.34 19.08
CA SER B 107 -27.49 -4.88 20.47
C SER B 107 -26.04 -4.80 20.95
N THR B 108 -25.12 -5.39 20.20
CA THR B 108 -23.67 -5.29 20.48
C THR B 108 -23.13 -3.90 20.12
N ALA B 109 -23.93 -3.12 19.40
CA ALA B 109 -23.54 -1.79 18.98
C ALA B 109 -23.57 -0.76 20.13
N ARG B 110 -22.74 0.26 19.99
CA ARG B 110 -22.56 1.29 21.01
C ARG B 110 -22.66 2.66 20.35
N ILE B 111 -23.88 3.19 20.29
CA ILE B 111 -24.20 4.46 19.64
C ILE B 111 -24.58 5.55 20.65
N HIS B 112 -23.98 6.73 20.50
CA HIS B 112 -24.32 7.90 21.32
C HIS B 112 -25.77 8.31 21.11
N PRO B 113 -26.48 8.74 22.18
CA PRO B 113 -27.90 9.07 22.02
C PRO B 113 -28.15 10.25 21.08
N SER B 114 -27.17 11.13 20.92
CA SER B 114 -27.32 12.31 20.08
C SER B 114 -27.20 12.01 18.58
N ALA B 115 -27.09 10.73 18.25
CA ALA B 115 -26.92 10.31 16.88
C ALA B 115 -28.28 10.19 16.21
N VAL B 116 -28.34 10.52 14.92
CA VAL B 116 -29.56 10.28 14.15
C VAL B 116 -29.34 9.12 13.18
N ILE B 117 -30.09 8.03 13.39
CA ILE B 117 -29.97 6.80 12.58
C ILE B 117 -31.31 6.44 11.96
N SER B 118 -31.36 6.49 10.64
CA SER B 118 -32.57 6.13 9.90
C SER B 118 -33.17 4.81 10.37
N GLU B 119 -34.49 4.69 10.24
CA GLU B 119 -35.19 3.45 10.56
C GLU B 119 -34.86 2.37 9.52
N THR B 120 -34.55 2.78 8.28
CA THR B 120 -34.23 1.83 7.19
C THR B 120 -32.73 1.49 7.05
N ALA B 121 -31.93 1.93 8.02
CA ALA B 121 -30.48 1.63 8.07
C ALA B 121 -30.12 0.35 8.84
N TYR B 122 -29.03 -0.28 8.44
CA TYR B 122 -28.53 -1.44 9.16
C TYR B 122 -27.23 -1.11 9.89
N ILE B 123 -27.27 -1.21 11.22
CA ILE B 123 -26.06 -1.07 12.01
C ILE B 123 -25.59 -2.42 12.54
N GLY B 124 -24.53 -2.94 11.93
CA GLY B 124 -23.94 -4.23 12.30
C GLY B 124 -23.44 -4.35 13.74
N HIS B 125 -22.96 -5.56 14.05
CA HIS B 125 -22.45 -5.92 15.36
C HIS B 125 -21.17 -5.17 15.69
N TYR B 126 -21.06 -4.75 16.95
CA TYR B 126 -19.83 -4.16 17.50
C TYR B 126 -19.43 -2.90 16.78
N VAL B 127 -20.45 -2.21 16.22
CA VAL B 127 -20.27 -0.92 15.59
C VAL B 127 -20.35 0.17 16.65
N VAL B 128 -19.44 1.15 16.56
CA VAL B 128 -19.34 2.24 17.51
C VAL B 128 -19.57 3.57 16.79
N ILE B 129 -20.51 4.36 17.30
CA ILE B 129 -20.93 5.59 16.64
C ILE B 129 -20.87 6.74 17.64
N GLY B 130 -20.22 7.85 17.27
CA GLY B 130 -19.98 8.98 18.15
C GLY B 130 -21.08 10.04 18.19
N GLU B 131 -20.69 11.25 18.60
CA GLU B 131 -21.65 12.32 18.91
C GLU B 131 -22.12 13.07 17.68
N ASN B 132 -23.43 13.32 17.60
CA ASN B 132 -24.02 14.09 16.50
C ASN B 132 -23.76 13.48 15.12
N CYS B 133 -23.52 12.18 15.09
CA CYS B 133 -23.46 11.44 13.83
C CYS B 133 -24.83 11.28 13.17
N VAL B 134 -24.82 11.19 11.84
CA VAL B 134 -26.02 10.94 11.05
C VAL B 134 -25.76 9.80 10.06
N VAL B 135 -26.71 8.86 10.01
CA VAL B 135 -26.70 7.74 9.08
C VAL B 135 -28.04 7.65 8.35
N GLY B 136 -28.00 7.87 7.03
CA GLY B 136 -29.22 8.04 6.24
C GLY B 136 -29.95 6.76 5.87
N ASP B 137 -31.06 6.93 5.17
CA ASP B 137 -31.92 5.83 4.74
C ASP B 137 -31.18 4.75 3.96
N ASN B 138 -31.54 3.50 4.22
CA ASN B 138 -31.03 2.33 3.52
C ASN B 138 -29.50 2.15 3.49
N THR B 139 -28.78 2.95 4.28
CA THR B 139 -27.33 2.79 4.41
C THR B 139 -26.98 1.57 5.29
N VAL B 140 -25.95 0.83 4.88
CA VAL B 140 -25.43 -0.30 5.65
C VAL B 140 -24.11 0.06 6.32
N ILE B 141 -24.01 -0.16 7.63
CA ILE B 141 -22.76 -0.04 8.35
C ILE B 141 -22.44 -1.44 8.88
N GLN B 142 -21.56 -2.14 8.18
CA GLN B 142 -21.19 -3.52 8.52
C GLN B 142 -20.41 -3.56 9.84
N SER B 143 -20.42 -4.74 10.47
CA SER B 143 -19.91 -4.94 11.82
C SER B 143 -18.53 -4.34 12.08
N HIS B 144 -18.26 -4.06 13.36
CA HIS B 144 -16.95 -3.59 13.85
C HIS B 144 -16.55 -2.16 13.48
N THR B 145 -17.15 -1.60 12.43
CA THR B 145 -16.84 -0.27 11.90
C THR B 145 -17.09 0.82 12.94
N LYS B 146 -16.42 1.97 12.81
CA LYS B 146 -16.66 3.09 13.74
C LYS B 146 -16.79 4.44 13.06
N LEU B 147 -17.75 5.21 13.55
CA LEU B 147 -17.97 6.58 13.14
C LEU B 147 -17.62 7.49 14.34
N ASP B 148 -16.67 8.39 14.15
CA ASP B 148 -16.28 9.31 15.21
C ASP B 148 -17.32 10.44 15.31
N ASP B 149 -17.20 11.29 16.32
CA ASP B 149 -18.14 12.41 16.48
C ASP B 149 -18.29 13.25 15.20
N ASN B 150 -19.49 13.74 14.95
CA ASN B 150 -19.81 14.62 13.80
C ASN B 150 -19.52 14.02 12.43
N VAL B 151 -19.57 12.70 12.34
CA VAL B 151 -19.45 12.06 11.05
C VAL B 151 -20.86 11.92 10.47
N GLU B 152 -21.02 12.33 9.21
CA GLU B 152 -22.29 12.16 8.53
C GLU B 152 -22.17 11.20 7.35
N VAL B 153 -23.17 10.34 7.21
CA VAL B 153 -23.26 9.41 6.11
C VAL B 153 -24.66 9.49 5.56
N GLY B 154 -24.79 9.73 4.27
CA GLY B 154 -26.10 9.86 3.65
C GLY B 154 -26.80 8.52 3.39
N LYS B 155 -27.63 8.49 2.36
CA LYS B 155 -28.50 7.32 2.11
C LYS B 155 -27.94 6.36 1.06
N ASP B 156 -28.33 5.09 1.18
CA ASP B 156 -27.93 4.05 0.23
C ASP B 156 -26.39 3.87 0.12
N CYS B 157 -25.70 4.16 1.22
CA CYS B 157 -24.28 3.91 1.30
C CYS B 157 -24.01 2.49 1.77
N PHE B 158 -22.81 2.02 1.49
CA PHE B 158 -22.32 0.77 2.02
C PHE B 158 -20.99 1.03 2.70
N ILE B 159 -20.90 0.71 3.98
CA ILE B 159 -19.65 0.82 4.68
C ILE B 159 -19.28 -0.53 5.30
N ASP B 160 -18.22 -1.13 4.78
CA ASP B 160 -17.83 -2.45 5.27
C ASP B 160 -17.10 -2.40 6.59
N SER B 161 -16.75 -3.56 7.13
CA SER B 161 -16.16 -3.67 8.47
C SER B 161 -14.74 -3.11 8.57
N TYR B 162 -14.33 -2.78 9.80
CA TYR B 162 -12.96 -2.29 10.09
C TYR B 162 -12.66 -0.96 9.40
N VAL B 163 -13.70 -0.14 9.26
CA VAL B 163 -13.58 1.16 8.63
C VAL B 163 -13.65 2.25 9.69
N THR B 164 -12.63 3.10 9.67
CA THR B 164 -12.53 4.21 10.58
C THR B 164 -12.94 5.47 9.83
N ILE B 165 -14.09 6.05 10.20
CA ILE B 165 -14.45 7.36 9.69
C ILE B 165 -14.33 8.36 10.85
N THR B 166 -13.44 9.32 10.66
CA THR B 166 -13.11 10.26 11.70
C THR B 166 -12.86 11.65 11.08
N GLY B 167 -12.33 12.58 11.87
CA GLY B 167 -12.17 13.95 11.40
C GLY B 167 -13.44 14.63 10.93
N SER B 168 -14.59 14.17 11.40
CA SER B 168 -15.90 14.83 11.16
C SER B 168 -16.40 14.73 9.71
N SER B 169 -16.01 13.67 9.02
CA SER B 169 -16.22 13.55 7.60
C SER B 169 -17.69 13.55 7.18
N LYS B 170 -17.94 14.20 6.05
CA LYS B 170 -19.26 14.26 5.47
C LYS B 170 -19.35 13.38 4.21
N LEU B 171 -20.21 12.37 4.27
CA LEU B 171 -20.40 11.47 3.15
C LEU B 171 -21.76 11.75 2.53
N ARG B 172 -21.80 11.92 1.20
CA ARG B 172 -23.04 12.22 0.53
C ARG B 172 -23.85 10.94 0.36
N ASP B 173 -24.52 10.77 -0.79
CA ASP B 173 -25.33 9.58 -1.03
C ASP B 173 -24.67 8.56 -1.97
N ARG B 174 -25.01 7.28 -1.75
CA ARG B 174 -24.58 6.15 -2.60
C ARG B 174 -23.08 5.95 -2.57
N VAL B 175 -22.48 6.27 -1.42
CA VAL B 175 -21.04 6.13 -1.18
C VAL B 175 -20.71 4.70 -0.75
N ARG B 176 -19.74 4.08 -1.40
CA ARG B 176 -19.39 2.71 -1.06
C ARG B 176 -17.95 2.65 -0.61
N ILE B 177 -17.76 2.31 0.66
CA ILE B 177 -16.46 2.30 1.26
C ILE B 177 -16.16 0.91 1.76
N HIS B 178 -15.10 0.31 1.23
CA HIS B 178 -14.77 -1.06 1.57
C HIS B 178 -13.80 -1.13 2.75
N SER B 179 -13.52 -2.36 3.18
CA SER B 179 -12.93 -2.68 4.46
C SER B 179 -11.50 -2.21 4.71
N SER B 180 -11.20 -1.90 5.98
CA SER B 180 -9.84 -1.59 6.47
C SER B 180 -9.32 -0.26 5.95
N THR B 181 -10.27 0.58 5.55
CA THR B 181 -10.04 1.91 4.99
C THR B 181 -10.27 2.93 6.08
N VAL B 182 -9.38 3.93 6.13
CA VAL B 182 -9.46 5.02 7.12
C VAL B 182 -9.81 6.35 6.45
N ILE B 183 -10.93 6.95 6.83
CA ILE B 183 -11.42 8.18 6.24
C ILE B 183 -11.25 9.31 7.23
N GLY B 184 -10.51 10.33 6.82
CA GLY B 184 -10.39 11.52 7.63
C GLY B 184 -9.49 11.40 8.82
N GLY B 185 -8.56 10.46 8.81
CA GLY B 185 -7.53 10.38 9.83
C GLY B 185 -6.48 11.47 9.68
N GLU B 186 -5.76 11.71 10.77
CA GLU B 186 -4.74 12.75 10.87
C GLU B 186 -3.68 12.64 9.76
N GLY B 187 -3.61 13.65 8.91
CA GLY B 187 -2.65 13.65 7.79
C GLY B 187 -1.22 13.83 8.23
N PHE B 188 -0.31 13.80 7.25
CA PHE B 188 1.13 13.75 7.51
C PHE B 188 1.75 15.17 7.54
N GLY B 189 1.41 15.92 8.59
CA GLY B 189 1.89 17.30 8.80
C GLY B 189 2.96 17.42 9.86
N PHE B 190 4.20 17.61 9.42
CA PHE B 190 5.33 17.74 10.34
C PHE B 190 6.25 18.89 9.98
N ALA B 191 6.53 19.74 10.96
CA ALA B 191 7.42 20.89 10.73
C ALA B 191 8.82 20.61 11.27
N PRO B 192 9.84 20.74 10.39
CA PRO B 192 11.24 20.47 10.72
C PRO B 192 11.88 21.53 11.57
N TYR B 193 12.47 21.10 12.68
CA TYR B 193 13.23 21.98 13.55
C TYR B 193 14.05 21.18 14.54
N GLN B 194 15.19 21.73 14.99
CA GLN B 194 16.07 21.10 16.00
C GLN B 194 16.50 19.74 15.50
N GLY B 195 16.49 19.55 14.17
CA GLY B 195 16.62 18.24 13.56
C GLY B 195 15.56 17.23 14.01
N LYS B 196 14.64 17.66 14.88
CA LYS B 196 13.45 16.88 15.27
C LYS B 196 12.26 17.21 14.33
N TRP B 197 11.06 16.80 14.72
CA TRP B 197 9.87 17.05 13.91
C TRP B 197 8.73 17.53 14.78
N HIS B 198 8.29 18.77 14.59
CA HIS B 198 7.10 19.20 15.32
C HIS B 198 5.80 18.80 14.60
N ARG B 199 5.05 17.91 15.25
CA ARG B 199 3.76 17.49 14.76
C ARG B 199 2.83 18.68 14.56
N ILE B 200 2.05 18.60 13.49
CA ILE B 200 0.99 19.56 13.23
C ILE B 200 -0.37 18.86 13.37
N ALA B 201 -1.20 19.38 14.26
CA ALA B 201 -2.53 18.81 14.47
C ALA B 201 -3.44 19.22 13.32
N GLN B 202 -4.01 18.23 12.65
CA GLN B 202 -4.74 18.46 11.40
C GLN B 202 -6.21 18.78 11.70
N LEU B 203 -6.62 20.02 11.38
CA LEU B 203 -7.87 20.58 11.92
C LEU B 203 -9.03 20.73 10.94
N GLY B 204 -8.84 20.28 9.70
CA GLY B 204 -9.91 20.28 8.69
C GLY B 204 -10.59 18.93 8.62
N SER B 205 -11.39 18.70 7.59
CA SER B 205 -12.18 17.46 7.49
C SER B 205 -12.07 16.79 6.11
N VAL B 206 -13.03 15.93 5.81
CA VAL B 206 -13.18 15.32 4.48
C VAL B 206 -14.60 15.46 3.97
N LEU B 207 -14.71 15.71 2.67
CA LEU B 207 -15.99 15.82 1.98
C LEU B 207 -15.96 14.85 0.81
N ILE B 208 -16.73 13.78 0.93
CA ILE B 208 -16.88 12.80 -0.16
C ILE B 208 -18.25 12.96 -0.81
N GLY B 209 -18.27 13.11 -2.12
CA GLY B 209 -19.51 13.36 -2.88
C GLY B 209 -20.32 12.12 -3.17
N ASN B 210 -21.40 12.30 -3.91
CA ASN B 210 -22.30 11.19 -4.26
C ASN B 210 -21.59 10.19 -5.12
N ASP B 211 -22.06 8.94 -5.13
CA ASP B 211 -21.62 7.90 -6.09
C ASP B 211 -20.13 7.55 -6.09
N VAL B 212 -19.45 7.87 -4.99
CA VAL B 212 -18.04 7.55 -4.84
C VAL B 212 -17.87 6.08 -4.40
N ARG B 213 -16.94 5.37 -5.03
CA ARG B 213 -16.50 4.08 -4.54
C ARG B 213 -15.06 4.19 -4.06
N ILE B 214 -14.79 3.65 -2.89
CA ILE B 214 -13.42 3.58 -2.34
C ILE B 214 -13.10 2.13 -2.01
N GLY B 215 -11.94 1.64 -2.44
CA GLY B 215 -11.54 0.27 -2.13
C GLY B 215 -11.19 -0.07 -0.68
N SER B 216 -10.45 -1.17 -0.50
CA SER B 216 -10.06 -1.60 0.82
C SER B 216 -8.61 -1.18 1.16
N ASN B 217 -8.27 -1.15 2.45
CA ASN B 217 -6.95 -0.71 2.89
C ASN B 217 -6.54 0.67 2.29
N CYS B 218 -7.50 1.60 2.19
CA CYS B 218 -7.15 2.94 1.71
C CYS B 218 -7.02 3.91 2.89
N SER B 219 -6.29 5.00 2.66
CA SER B 219 -6.21 6.10 3.63
C SER B 219 -6.50 7.45 2.99
N ILE B 220 -7.65 8.02 3.31
CA ILE B 220 -8.04 9.32 2.78
C ILE B 220 -7.98 10.31 3.93
N ASP B 221 -6.88 11.07 4.00
CA ASP B 221 -6.56 11.89 5.18
C ASP B 221 -7.41 13.15 5.21
N ARG B 222 -7.67 13.65 6.41
CA ARG B 222 -8.44 14.89 6.54
C ARG B 222 -7.57 16.07 6.14
N GLY B 223 -8.19 17.23 5.91
CA GLY B 223 -7.42 18.44 5.62
C GLY B 223 -6.70 19.00 6.83
N ALA B 224 -5.51 19.55 6.62
CA ALA B 224 -4.77 20.29 7.66
C ALA B 224 -5.64 21.46 8.16
N LEU B 225 -6.20 22.16 7.18
CA LEU B 225 -7.24 23.16 7.34
C LEU B 225 -8.16 22.95 6.14
N ASP B 226 -9.44 23.26 6.28
CA ASP B 226 -10.37 23.02 5.18
C ASP B 226 -10.62 21.52 4.95
N ASN B 227 -10.44 21.04 3.72
CA ASN B 227 -11.00 19.75 3.36
C ASN B 227 -10.22 18.95 2.37
N THR B 228 -10.24 17.63 2.56
CA THR B 228 -9.94 16.69 1.53
C THR B 228 -11.29 16.46 0.85
N ILE B 229 -11.34 16.62 -0.46
CA ILE B 229 -12.59 16.53 -1.19
C ILE B 229 -12.47 15.51 -2.28
N LEU B 230 -13.46 14.62 -2.33
CA LEU B 230 -13.66 13.78 -3.48
C LEU B 230 -15.03 14.11 -4.03
N GLU B 231 -15.04 14.68 -5.23
CA GLU B 231 -16.28 15.06 -5.89
C GLU B 231 -17.12 13.85 -6.33
N ASP B 232 -18.28 14.11 -6.91
CA ASP B 232 -19.21 13.06 -7.36
C ASP B 232 -18.61 12.06 -8.35
N GLY B 233 -18.89 10.78 -8.11
CA GLY B 233 -18.59 9.75 -9.09
C GLY B 233 -17.11 9.40 -9.18
N VAL B 234 -16.31 9.89 -8.22
CA VAL B 234 -14.91 9.49 -8.15
C VAL B 234 -14.90 8.01 -7.84
N ILE B 235 -13.99 7.29 -8.48
CA ILE B 235 -13.72 5.90 -8.07
C ILE B 235 -12.26 5.68 -7.69
N ILE B 236 -12.07 4.91 -6.63
CA ILE B 236 -10.76 4.69 -6.07
C ILE B 236 -10.60 3.22 -5.76
N ASP B 237 -9.52 2.62 -6.26
CA ASP B 237 -9.30 1.20 -6.01
C ASP B 237 -8.63 0.95 -4.64
N ASN B 238 -8.25 -0.30 -4.38
CA ASN B 238 -7.63 -0.64 -3.11
C ASN B 238 -6.24 -0.07 -2.93
N LEU B 239 -5.79 -0.01 -1.68
CA LEU B 239 -4.43 0.36 -1.31
C LEU B 239 -3.98 1.73 -1.81
N VAL B 240 -4.92 2.66 -1.91
CA VAL B 240 -4.62 4.05 -2.32
C VAL B 240 -4.42 4.99 -1.12
N GLN B 241 -3.47 5.94 -1.24
CA GLN B 241 -3.31 7.02 -0.29
C GLN B 241 -3.75 8.34 -0.90
N ILE B 242 -4.72 8.96 -0.26
CA ILE B 242 -5.10 10.36 -0.50
C ILE B 242 -4.66 11.18 0.72
N ALA B 243 -3.65 12.03 0.50
CA ALA B 243 -3.08 12.84 1.56
C ALA B 243 -3.96 14.04 1.86
N HIS B 244 -3.62 14.75 2.94
CA HIS B 244 -4.36 15.92 3.41
C HIS B 244 -4.53 16.95 2.29
N ASN B 245 -5.75 17.52 2.22
CA ASN B 245 -6.07 18.61 1.31
C ASN B 245 -5.97 18.25 -0.14
N VAL B 246 -6.08 16.98 -0.45
CA VAL B 246 -6.16 16.61 -1.85
C VAL B 246 -7.59 16.83 -2.34
N HIS B 247 -7.71 17.25 -3.60
CA HIS B 247 -8.98 17.55 -4.19
C HIS B 247 -9.01 16.80 -5.51
N ILE B 248 -9.96 15.88 -5.64
CA ILE B 248 -10.09 15.08 -6.86
C ILE B 248 -11.40 15.41 -7.53
N GLY B 249 -11.32 15.86 -8.79
CA GLY B 249 -12.46 16.31 -9.58
C GLY B 249 -13.41 15.19 -9.91
N SER B 250 -14.66 15.55 -10.21
CA SER B 250 -15.71 14.56 -10.44
C SER B 250 -15.33 13.52 -11.47
N ASN B 251 -15.78 12.30 -11.22
CA ASN B 251 -15.66 11.16 -12.13
C ASN B 251 -14.25 10.66 -12.47
N THR B 252 -13.27 11.14 -11.71
CA THR B 252 -11.91 10.66 -11.88
C THR B 252 -11.81 9.21 -11.38
N ALA B 253 -10.94 8.43 -12.01
CA ALA B 253 -10.70 7.04 -11.64
C ALA B 253 -9.26 6.87 -11.17
N ILE B 254 -9.10 6.35 -9.95
CA ILE B 254 -7.77 6.16 -9.39
C ILE B 254 -7.53 4.70 -9.10
N ALA B 255 -6.63 4.10 -9.88
CA ALA B 255 -6.32 2.69 -9.76
C ALA B 255 -5.57 2.35 -8.47
N ALA B 256 -5.51 1.07 -8.17
CA ALA B 256 -4.86 0.54 -6.99
C ALA B 256 -3.41 1.00 -6.83
N LYS B 257 -3.04 1.28 -5.58
CA LYS B 257 -1.66 1.58 -5.23
C LYS B 257 -1.15 2.95 -5.74
N CYS B 258 -2.05 3.82 -6.21
CA CYS B 258 -1.65 5.22 -6.46
C CYS B 258 -1.44 5.88 -5.13
N GLY B 259 -0.51 6.84 -5.10
CA GLY B 259 -0.35 7.74 -3.96
C GLY B 259 -0.41 9.21 -4.40
N ILE B 260 -1.22 10.02 -3.74
CA ILE B 260 -1.32 11.44 -4.08
C ILE B 260 -0.99 12.29 -2.84
N ALA B 261 0.10 13.06 -2.92
CA ALA B 261 0.61 13.76 -1.74
C ALA B 261 -0.17 15.05 -1.47
N GLY B 262 0.05 15.62 -0.29
CA GLY B 262 -0.74 16.72 0.25
C GLY B 262 -0.92 17.95 -0.61
N SER B 263 -2.06 18.61 -0.42
CA SER B 263 -2.45 19.82 -1.14
C SER B 263 -2.51 19.68 -2.66
N THR B 264 -2.77 18.49 -3.17
CA THR B 264 -2.74 18.34 -4.62
C THR B 264 -4.14 18.28 -5.25
N LYS B 265 -4.29 18.97 -6.38
CA LYS B 265 -5.55 19.10 -7.07
C LYS B 265 -5.47 18.25 -8.33
N ILE B 266 -6.40 17.33 -8.48
CA ILE B 266 -6.53 16.59 -9.73
C ILE B 266 -7.90 16.89 -10.30
N GLY B 267 -7.93 17.21 -11.60
CA GLY B 267 -9.15 17.66 -12.28
C GLY B 267 -10.17 16.58 -12.50
N LYS B 268 -11.31 16.96 -13.11
CA LYS B 268 -12.40 16.03 -13.42
C LYS B 268 -11.99 15.07 -14.52
N ASN B 269 -12.59 13.87 -14.51
CA ASN B 269 -12.45 12.90 -15.61
C ASN B 269 -11.01 12.53 -15.94
N CYS B 270 -10.21 12.33 -14.89
CA CYS B 270 -8.86 11.84 -15.04
C CYS B 270 -8.89 10.35 -14.83
N ILE B 271 -7.92 9.68 -15.43
CA ILE B 271 -7.76 8.25 -15.30
C ILE B 271 -6.32 8.01 -14.91
N LEU B 272 -6.12 7.54 -13.69
CA LEU B 272 -4.79 7.20 -13.24
C LEU B 272 -4.64 5.69 -13.15
N ALA B 273 -3.68 5.12 -13.89
CA ALA B 273 -3.44 3.67 -13.84
C ALA B 273 -2.69 3.29 -12.56
N GLY B 274 -2.45 2.00 -12.40
CA GLY B 274 -1.98 1.43 -11.14
C GLY B 274 -0.62 1.91 -10.71
N ALA B 275 -0.51 2.14 -9.41
CA ALA B 275 0.74 2.48 -8.77
C ALA B 275 1.37 3.79 -9.25
N CYS B 276 0.54 4.76 -9.61
CA CYS B 276 1.02 6.13 -9.93
C CYS B 276 1.26 6.97 -8.68
N GLY B 277 2.25 7.84 -8.73
CA GLY B 277 2.57 8.73 -7.61
C GLY B 277 2.61 10.16 -8.08
N VAL B 278 2.00 11.05 -7.29
CA VAL B 278 1.87 12.47 -7.62
C VAL B 278 2.32 13.32 -6.42
N ALA B 279 3.29 14.19 -6.68
CA ALA B 279 3.98 14.91 -5.61
C ALA B 279 3.04 15.96 -5.03
N GLY B 280 3.49 16.64 -4.00
CA GLY B 280 2.62 17.56 -3.28
C GLY B 280 2.45 18.89 -3.98
N HIS B 281 1.33 19.54 -3.70
CA HIS B 281 1.14 20.92 -4.12
C HIS B 281 1.14 21.08 -5.65
N LEU B 282 0.65 20.07 -6.38
CA LEU B 282 0.59 20.16 -7.84
C LEU B 282 -0.83 20.27 -8.36
N SER B 283 -0.96 20.66 -9.62
CA SER B 283 -2.24 20.79 -10.27
C SER B 283 -2.21 19.90 -11.50
N ILE B 284 -3.23 19.09 -11.66
CA ILE B 284 -3.33 18.21 -12.80
C ILE B 284 -4.63 18.52 -13.51
N ALA B 285 -4.54 18.89 -14.78
CA ALA B 285 -5.68 19.33 -15.60
C ALA B 285 -6.78 18.25 -15.74
N ASP B 286 -7.99 18.68 -16.08
CA ASP B 286 -9.09 17.80 -16.52
C ASP B 286 -8.66 16.90 -17.68
N ASN B 287 -9.24 15.72 -17.74
CA ASN B 287 -9.01 14.77 -18.84
C ASN B 287 -7.54 14.34 -19.08
N VAL B 288 -6.75 14.33 -18.00
CA VAL B 288 -5.39 13.74 -17.94
C VAL B 288 -5.41 12.22 -17.67
N THR B 289 -4.67 11.48 -18.49
CA THR B 289 -4.52 10.05 -18.30
C THR B 289 -3.08 9.76 -17.90
N LEU B 290 -2.92 8.80 -17.00
CA LEU B 290 -1.59 8.35 -16.55
C LEU B 290 -1.52 6.83 -16.65
N THR B 291 -0.62 6.34 -17.49
CA THR B 291 -0.30 4.93 -17.58
C THR B 291 0.42 4.47 -16.31
N GLY B 292 0.78 3.18 -16.26
CA GLY B 292 1.23 2.50 -15.03
C GLY B 292 2.51 3.07 -14.47
N MET B 293 2.61 3.14 -13.14
CA MET B 293 3.84 3.57 -12.48
C MET B 293 4.37 4.96 -12.87
N SER B 294 3.48 5.85 -13.27
CA SER B 294 3.89 7.23 -13.57
C SER B 294 4.09 8.02 -12.29
N MET B 295 5.19 8.78 -12.24
CA MET B 295 5.50 9.68 -11.13
C MET B 295 5.43 11.06 -11.69
N VAL B 296 4.71 11.94 -11.00
CA VAL B 296 4.46 13.28 -11.49
C VAL B 296 4.99 14.26 -10.50
N THR B 297 5.92 15.09 -10.95
CA THR B 297 6.60 16.00 -10.04
C THR B 297 6.29 17.49 -10.30
N LYS B 298 5.82 17.80 -11.50
CA LYS B 298 5.36 19.16 -11.84
C LYS B 298 3.94 19.14 -12.41
N ASN B 299 3.24 20.27 -12.30
CA ASN B 299 1.93 20.50 -12.92
C ASN B 299 1.81 19.90 -14.32
N ILE B 300 0.66 19.30 -14.58
CA ILE B 300 0.27 18.93 -15.93
C ILE B 300 -0.84 19.89 -16.28
N SER B 301 -0.59 20.73 -17.28
CA SER B 301 -1.48 21.87 -17.54
C SER B 301 -2.48 21.63 -18.66
N GLU B 302 -2.25 20.58 -19.44
CA GLU B 302 -3.11 20.27 -20.58
C GLU B 302 -3.57 18.82 -20.58
N ALA B 303 -4.78 18.61 -21.08
CA ALA B 303 -5.31 17.27 -21.30
C ALA B 303 -4.39 16.37 -22.16
N GLY B 304 -4.34 15.09 -21.82
CA GLY B 304 -3.66 14.10 -22.62
C GLY B 304 -3.24 12.88 -21.83
N THR B 305 -2.41 12.04 -22.45
CA THR B 305 -1.87 10.84 -21.82
C THR B 305 -0.40 11.07 -21.50
N TYR B 306 -0.01 10.78 -20.27
CA TYR B 306 1.36 11.00 -19.82
C TYR B 306 1.89 9.73 -19.20
N SER B 307 3.21 9.52 -19.36
CA SER B 307 3.87 8.32 -18.86
C SER B 307 5.21 8.62 -18.24
N SER B 308 5.69 7.70 -17.40
CA SER B 308 7.09 7.65 -16.97
C SER B 308 7.44 6.20 -16.80
N GLY B 309 8.73 5.88 -16.70
CA GLY B 309 9.17 4.50 -16.56
C GLY B 309 9.96 4.01 -17.76
N THR B 310 10.51 2.79 -17.67
CA THR B 310 11.44 2.27 -18.66
C THR B 310 10.88 1.07 -19.42
N GLY B 311 9.69 0.61 -19.01
CA GLY B 311 9.13 -0.64 -19.54
C GLY B 311 9.97 -1.83 -19.08
N LEU B 312 9.64 -3.00 -19.59
CA LEU B 312 10.32 -4.21 -19.14
C LEU B 312 11.49 -4.58 -20.06
N PHE B 313 12.59 -5.06 -19.48
CA PHE B 313 13.70 -5.61 -20.25
C PHE B 313 14.06 -6.95 -19.67
N GLU B 314 14.44 -7.91 -20.52
CA GLU B 314 15.19 -9.06 -20.04
C GLU B 314 16.37 -8.56 -19.17
N ASN B 315 16.75 -9.32 -18.15
CA ASN B 315 17.74 -8.88 -17.17
C ASN B 315 19.08 -8.45 -17.74
N ASN B 316 19.64 -9.22 -18.67
CA ASN B 316 20.93 -8.86 -19.30
C ASN B 316 20.84 -7.57 -20.10
N HIS B 317 19.83 -7.50 -20.96
CA HIS B 317 19.54 -6.27 -21.70
C HIS B 317 19.40 -5.10 -20.73
N TRP B 318 18.61 -5.28 -19.67
CA TRP B 318 18.35 -4.20 -18.70
C TRP B 318 19.64 -3.66 -18.07
N LYS B 319 20.48 -4.57 -17.60
CA LYS B 319 21.79 -4.21 -17.03
C LYS B 319 22.66 -3.45 -18.04
N LYS B 320 22.77 -3.97 -19.26
CA LYS B 320 23.48 -3.27 -20.33
C LYS B 320 22.97 -1.83 -20.51
N THR B 321 21.65 -1.65 -20.37
CA THR B 321 20.95 -0.38 -20.63
C THR B 321 21.13 0.64 -19.52
N ILE B 322 21.06 0.22 -18.27
CA ILE B 322 21.28 1.16 -17.18
C ILE B 322 22.72 1.63 -17.02
N VAL B 323 23.68 0.82 -17.48
CA VAL B 323 25.05 1.29 -17.56
C VAL B 323 25.10 2.37 -18.63
N ARG B 324 24.50 2.07 -19.78
CA ARG B 324 24.44 3.01 -20.88
C ARG B 324 23.78 4.32 -20.44
N LEU B 325 22.80 4.23 -19.54
CA LEU B 325 22.20 5.41 -18.92
C LEU B 325 23.14 6.15 -17.98
N ARG B 326 23.82 5.40 -17.11
CA ARG B 326 24.79 5.96 -16.18
C ARG B 326 25.95 6.64 -16.93
N GLN B 327 26.12 6.28 -18.20
CA GLN B 327 27.08 6.93 -19.10
C GLN B 327 26.45 8.10 -19.86
N LEU B 328 25.12 8.19 -19.88
CA LEU B 328 24.40 9.09 -20.81
C LEU B 328 24.70 10.59 -20.62
N ALA B 329 24.82 11.03 -19.36
CA ALA B 329 25.13 12.43 -19.04
C ALA B 329 26.54 12.87 -19.50
N ASP B 330 27.41 11.90 -19.77
CA ASP B 330 28.75 12.17 -20.29
C ASP B 330 28.77 12.36 -21.80
N VAL B 331 27.79 11.77 -22.49
CA VAL B 331 27.81 11.73 -23.95
C VAL B 331 26.98 12.86 -24.53
N PRO B 332 27.63 13.79 -25.27
CA PRO B 332 26.93 14.96 -25.77
C PRO B 332 26.16 14.71 -27.06
N LEU B 333 25.26 13.73 -27.00
CA LEU B 333 24.05 13.64 -27.83
C LEU B 333 23.85 14.67 -28.97
N THR B 334 23.14 15.73 -28.62
CA THR B 334 22.80 16.84 -29.50
C THR B 334 24.06 17.41 -30.12
N GLN B 335 24.98 17.89 -29.29
CA GLN B 335 26.26 18.47 -29.74
C GLN B 335 26.95 17.65 -30.80
N ILE B 336 26.98 16.33 -30.59
CA ILE B 336 27.56 15.39 -31.52
C ILE B 336 26.81 15.47 -32.85
N THR B 337 25.50 15.59 -32.81
CA THR B 337 24.67 15.64 -34.02
C THR B 337 24.85 16.95 -34.76
N LYS B 338 25.03 18.03 -34.01
CA LYS B 338 25.21 19.36 -34.58
C LYS B 338 26.59 19.48 -35.20
N ARG B 339 27.58 18.82 -34.60
CA ARG B 339 28.94 18.86 -35.14
C ARG B 339 29.01 18.07 -36.43
N LEU B 340 28.18 17.03 -36.51
CA LEU B 340 28.00 16.28 -37.76
C LEU B 340 27.39 17.16 -38.86
N ASP B 341 26.26 17.79 -38.55
CA ASP B 341 25.59 18.70 -39.50
C ASP B 341 26.62 19.65 -40.08
N HIS B 342 27.39 20.28 -39.19
CA HIS B 342 28.41 21.22 -39.59
C HIS B 342 29.43 20.56 -40.53
N ILE B 343 29.94 19.39 -40.14
CA ILE B 343 30.89 18.65 -40.98
C ILE B 343 30.25 18.31 -42.32
N GLN B 344 28.98 17.90 -42.27
CA GLN B 344 28.17 17.71 -43.46
C GLN B 344 28.12 18.97 -44.33
N ALA B 345 27.91 20.12 -43.67
CA ALA B 345 27.83 21.38 -44.38
C ALA B 345 29.11 21.65 -45.17
N GLN B 346 30.24 21.70 -44.47
CA GLN B 346 31.52 22.03 -45.09
C GLN B 346 31.99 20.96 -46.09
N ILE B 347 31.37 19.79 -46.02
CA ILE B 347 31.49 18.79 -47.09
C ILE B 347 30.61 19.21 -48.27
N GLU B 348 29.31 19.41 -48.01
CA GLU B 348 28.36 19.82 -49.05
C GLU B 348 28.96 20.92 -49.92
N SER B 349 29.35 22.02 -49.29
CA SER B 349 29.86 23.18 -50.01
C SER B 349 31.08 22.84 -50.83
N LEU B 350 32.11 22.32 -50.17
CA LEU B 350 33.39 22.01 -50.83
C LEU B 350 33.23 21.06 -52.04
N GLU B 351 32.27 20.13 -51.94
CA GLU B 351 31.95 19.22 -53.04
C GLU B 351 31.31 19.93 -54.24
N SER B 352 30.55 21.00 -53.99
CA SER B 352 29.95 21.79 -55.08
C SER B 352 30.85 22.96 -55.51
N THR B 353 31.58 23.54 -54.56
CA THR B 353 32.56 24.62 -54.81
C THR B 353 33.69 24.16 -55.72
N PHE B 354 34.25 22.97 -55.43
CA PHE B 354 35.23 22.38 -56.30
C PHE B 354 34.58 21.66 -57.51
N ASN B 355 33.30 21.97 -57.77
CA ASN B 355 32.58 21.46 -58.95
C ASN B 355 31.68 22.53 -59.58
N VAL C 5 6.90 -20.54 30.82
CA VAL C 5 5.77 -21.52 31.04
C VAL C 5 5.86 -22.79 30.16
N GLN C 6 5.83 -22.64 28.83
CA GLN C 6 5.99 -23.79 27.94
C GLN C 6 7.48 -24.18 27.79
N GLN C 7 7.78 -25.42 28.14
CA GLN C 7 9.15 -25.93 28.13
C GLN C 7 9.31 -27.18 27.28
N TYR C 8 10.51 -27.34 26.73
CA TYR C 8 10.87 -28.56 26.01
C TYR C 8 12.26 -29.04 26.47
N ARG C 9 12.42 -30.35 26.54
CA ARG C 9 13.68 -30.98 26.93
C ARG C 9 14.72 -30.90 25.81
N LEU C 10 15.98 -30.68 26.17
CA LEU C 10 17.09 -30.63 25.23
C LEU C 10 17.03 -31.82 24.27
N ASP C 11 16.87 -33.00 24.84
CA ASP C 11 16.91 -34.21 24.04
C ASP C 11 15.75 -34.35 23.07
N GLU C 12 14.56 -33.90 23.47
CA GLU C 12 13.42 -33.78 22.55
C GLU C 12 13.77 -32.84 21.40
N LEU C 13 14.43 -31.72 21.73
CA LEU C 13 14.82 -30.71 20.76
C LEU C 13 15.87 -31.23 19.79
N ALA C 14 16.82 -32.01 20.30
CA ALA C 14 17.85 -32.59 19.45
C ALA C 14 17.23 -33.57 18.46
N HIS C 15 16.28 -34.35 18.95
CA HIS C 15 15.52 -35.28 18.08
C HIS C 15 14.84 -34.55 16.88
N LEU C 16 14.08 -33.51 17.16
CA LEU C 16 13.38 -32.75 16.13
C LEU C 16 14.29 -32.30 14.99
N VAL C 17 15.51 -31.88 15.33
CA VAL C 17 16.49 -31.42 14.34
C VAL C 17 17.47 -32.52 13.90
N LYS C 18 17.21 -33.77 14.33
CA LYS C 18 18.11 -34.90 14.07
C LYS C 18 19.54 -34.58 14.54
N GLY C 19 19.64 -33.90 15.67
CA GLY C 19 20.93 -33.46 16.20
C GLY C 19 21.50 -34.36 17.26
N GLU C 20 22.78 -34.16 17.55
CA GLU C 20 23.50 -34.94 18.55
C GLU C 20 23.74 -34.11 19.82
N LEU C 21 23.52 -34.70 20.97
CA LEU C 21 23.52 -33.93 22.20
C LEU C 21 24.77 -34.13 23.07
N ILE C 22 25.36 -33.02 23.50
CA ILE C 22 26.38 -33.01 24.53
C ILE C 22 25.80 -32.25 25.69
N GLY C 23 25.98 -32.76 26.90
CA GLY C 23 25.42 -32.13 28.08
C GLY C 23 24.21 -32.90 28.55
N GLU C 24 23.41 -32.27 29.41
CA GLU C 24 22.28 -32.95 30.08
C GLU C 24 20.98 -32.80 29.29
N GLY C 25 20.50 -33.93 28.78
CA GLY C 25 19.32 -33.98 27.93
C GLY C 25 17.99 -33.78 28.64
N SER C 26 18.03 -33.55 29.95
CA SER C 26 16.79 -33.33 30.73
C SER C 26 16.52 -31.84 31.01
N LEU C 27 17.47 -30.98 30.67
CA LEU C 27 17.29 -29.54 30.83
C LEU C 27 16.19 -29.03 29.90
N GLN C 28 15.38 -28.11 30.40
CA GLN C 28 14.24 -27.60 29.64
C GLN C 28 14.40 -26.14 29.24
N PHE C 29 13.79 -25.77 28.11
CA PHE C 29 13.99 -24.46 27.52
C PHE C 29 12.69 -23.82 27.11
N SER C 30 12.55 -22.54 27.48
CA SER C 30 11.38 -21.72 27.19
C SER C 30 11.40 -21.15 25.78
N ASN C 31 12.56 -20.76 25.28
CA ASN C 31 12.61 -20.08 24.00
C ASN C 31 13.89 -20.30 23.22
N LEU C 32 13.81 -19.98 21.94
CA LEU C 32 14.99 -19.68 21.15
C LEU C 32 15.26 -18.18 21.31
N ALA C 33 16.53 -17.80 21.29
CA ALA C 33 16.93 -16.40 21.44
C ALA C 33 18.27 -16.11 20.78
N SER C 34 18.59 -14.84 20.59
CA SER C 34 19.88 -14.43 20.05
C SER C 34 20.97 -14.49 21.11
N LEU C 35 22.21 -14.67 20.66
CA LEU C 35 23.34 -14.76 21.57
C LEU C 35 23.32 -13.62 22.56
N GLU C 36 23.01 -12.43 22.06
CA GLU C 36 23.00 -11.20 22.87
C GLU C 36 21.82 -11.13 23.86
N ASN C 37 20.63 -11.59 23.43
CA ASN C 37 19.43 -11.59 24.31
C ASN C 37 19.27 -12.83 25.20
N ALA C 38 19.81 -13.97 24.79
CA ALA C 38 19.55 -15.28 25.43
C ALA C 38 19.90 -15.43 26.93
N GLU C 39 18.97 -16.02 27.68
CA GLU C 39 19.17 -16.32 29.10
C GLU C 39 19.31 -17.84 29.28
N VAL C 40 19.55 -18.28 30.53
CA VAL C 40 19.84 -19.68 30.82
C VAL C 40 18.74 -20.64 30.37
N ASN C 41 17.49 -20.18 30.47
CA ASN C 41 16.36 -20.96 30.02
C ASN C 41 16.13 -20.86 28.50
N HIS C 42 17.06 -20.23 27.77
CA HIS C 42 16.96 -20.10 26.32
C HIS C 42 18.04 -20.85 25.54
N LEU C 43 17.64 -21.36 24.38
CA LEU C 43 18.53 -22.00 23.45
C LEU C 43 18.90 -21.02 22.35
N THR C 44 20.16 -21.04 21.97
CA THR C 44 20.61 -20.20 20.88
C THR C 44 21.40 -21.02 19.86
N PHE C 45 21.93 -20.37 18.85
CA PHE C 45 22.77 -21.07 17.88
C PHE C 45 23.93 -20.22 17.37
N VAL C 46 24.92 -20.89 16.80
CA VAL C 46 26.04 -20.20 16.19
C VAL C 46 26.25 -20.75 14.79
N ASN C 47 26.17 -19.87 13.79
CA ASN C 47 26.52 -20.23 12.41
C ASN C 47 27.78 -19.46 12.04
N GLY C 48 28.88 -20.16 11.81
CA GLY C 48 30.13 -19.51 11.44
C GLY C 48 30.85 -18.85 12.61
N GLU C 49 32.14 -18.58 12.40
CA GLU C 49 33.09 -18.10 13.42
C GLU C 49 32.90 -16.67 13.87
N LYS C 50 32.35 -15.84 12.99
CA LYS C 50 32.18 -14.41 13.26
C LYS C 50 31.58 -14.16 14.66
N HIS C 51 30.52 -14.89 14.99
CA HIS C 51 29.70 -14.58 16.15
C HIS C 51 30.11 -15.26 17.47
N LEU C 52 31.31 -15.82 17.48
CA LEU C 52 31.88 -16.43 18.67
C LEU C 52 32.18 -15.45 19.83
N ASP C 53 32.23 -14.15 19.50
CA ASP C 53 32.36 -13.07 20.48
C ASP C 53 31.12 -13.00 21.35
N GLN C 54 29.99 -12.87 20.67
CA GLN C 54 28.68 -12.84 21.30
C GLN C 54 28.44 -14.17 22.00
N ALA C 55 28.76 -15.27 21.31
CA ALA C 55 28.63 -16.61 21.89
C ALA C 55 29.35 -16.78 23.23
N LYS C 56 30.67 -16.51 23.27
CA LYS C 56 31.47 -16.62 24.50
C LYS C 56 30.80 -15.99 25.72
N VAL C 57 30.15 -14.85 25.53
CA VAL C 57 29.67 -14.04 26.64
C VAL C 57 28.12 -14.13 26.80
N SER C 58 27.49 -14.86 25.88
CA SER C 58 26.06 -15.14 25.93
C SER C 58 25.74 -15.93 27.21
N ARG C 59 24.59 -15.62 27.81
CA ARG C 59 24.10 -16.33 29.00
C ARG C 59 23.27 -17.59 28.67
N ALA C 60 23.16 -17.92 27.38
CA ALA C 60 22.31 -19.03 26.92
C ALA C 60 22.66 -20.32 27.62
N GLY C 61 21.65 -21.11 27.94
CA GLY C 61 21.86 -22.40 28.56
C GLY C 61 22.26 -23.51 27.61
N ALA C 62 22.03 -23.32 26.29
CA ALA C 62 22.41 -24.31 25.26
C ALA C 62 22.67 -23.70 23.87
N TYR C 63 23.50 -24.38 23.07
CA TYR C 63 24.04 -23.82 21.81
C TYR C 63 23.96 -24.82 20.68
N ILE C 64 23.09 -24.52 19.71
CA ILE C 64 23.06 -25.29 18.46
C ILE C 64 24.30 -24.89 17.68
N VAL C 65 25.14 -25.87 17.35
CA VAL C 65 26.46 -25.61 16.77
C VAL C 65 26.89 -26.66 15.75
N THR C 66 27.99 -26.38 15.07
CA THR C 66 28.66 -27.36 14.24
C THR C 66 29.72 -28.00 15.13
N ALA C 67 30.31 -29.11 14.70
CA ALA C 67 31.35 -29.78 15.50
C ALA C 67 32.68 -29.01 15.50
N ALA C 68 32.97 -28.31 14.42
CA ALA C 68 34.15 -27.46 14.34
C ALA C 68 34.07 -26.28 15.31
N LEU C 69 32.89 -25.67 15.42
CA LEU C 69 32.69 -24.44 16.22
C LEU C 69 32.58 -24.71 17.71
N LYS C 70 32.18 -25.93 18.05
CA LYS C 70 32.03 -26.30 19.44
C LYS C 70 33.36 -26.17 20.18
N GLU C 71 34.47 -26.56 19.55
CA GLU C 71 35.83 -26.40 20.10
C GLU C 71 36.19 -24.98 20.55
N HIS C 72 35.59 -23.97 19.90
CA HIS C 72 35.84 -22.57 20.25
C HIS C 72 34.87 -22.06 21.31
N LEU C 73 34.35 -22.99 22.11
CA LEU C 73 33.37 -22.72 23.13
C LEU C 73 33.62 -23.63 24.32
N PRO C 74 34.83 -23.55 24.92
CA PRO C 74 35.24 -24.43 26.02
C PRO C 74 34.47 -24.22 27.33
N GLU C 75 34.07 -22.98 27.62
CA GLU C 75 33.41 -22.70 28.91
C GLU C 75 31.92 -23.08 28.95
N LYS C 76 31.41 -23.63 27.85
CA LYS C 76 29.99 -24.04 27.71
C LYS C 76 29.77 -25.56 27.78
N ASP C 77 28.58 -25.98 28.24
CA ASP C 77 28.31 -27.40 28.57
C ASP C 77 27.29 -28.12 27.69
N ASN C 78 26.26 -27.40 27.25
CA ASN C 78 25.12 -28.03 26.58
C ASN C 78 25.01 -27.61 25.13
N PHE C 79 25.03 -28.58 24.23
CA PHE C 79 25.03 -28.31 22.82
C PHE C 79 24.09 -29.27 22.16
N ILE C 80 23.63 -28.87 20.98
CA ILE C 80 23.12 -29.77 19.98
C ILE C 80 24.08 -29.59 18.82
N ILE C 81 24.80 -30.65 18.46
CA ILE C 81 25.68 -30.65 17.30
C ILE C 81 24.86 -31.01 16.04
N VAL C 82 25.04 -30.24 14.97
CA VAL C 82 24.36 -30.44 13.69
C VAL C 82 25.23 -29.98 12.49
N ASP C 83 24.80 -30.33 11.27
CA ASP C 83 25.47 -29.91 10.02
C ASP C 83 25.36 -28.40 9.76
N ASN C 84 24.13 -27.88 9.92
CA ASN C 84 23.73 -26.53 9.57
C ASN C 84 22.93 -25.96 10.75
N PRO C 85 23.61 -25.24 11.67
CA PRO C 85 22.92 -24.69 12.85
C PRO C 85 21.72 -23.83 12.51
N TYR C 86 21.83 -23.02 11.46
CA TYR C 86 20.72 -22.16 11.05
C TYR C 86 19.47 -22.96 10.63
N LEU C 87 19.67 -23.99 9.81
CA LEU C 87 18.59 -24.88 9.37
C LEU C 87 17.90 -25.53 10.60
N ALA C 88 18.69 -25.82 11.64
CA ALA C 88 18.17 -26.49 12.84
C ALA C 88 17.35 -25.51 13.69
N PHE C 89 17.89 -24.33 13.88
CA PHE C 89 17.13 -23.20 14.37
C PHE C 89 15.76 -23.06 13.65
N ALA C 90 15.82 -22.96 12.32
CA ALA C 90 14.63 -22.89 11.47
C ALA C 90 13.57 -23.93 11.85
N ILE C 91 13.99 -25.19 11.96
CA ILE C 91 13.06 -26.26 12.40
C ILE C 91 12.45 -25.95 13.79
N LEU C 92 13.29 -25.57 14.76
CA LEU C 92 12.80 -25.36 16.13
C LEU C 92 11.94 -24.10 16.35
N THR C 93 12.05 -23.12 15.44
CA THR C 93 11.24 -21.91 15.56
C THR C 93 9.77 -22.25 15.75
N HIS C 94 9.28 -23.23 14.99
CA HIS C 94 7.88 -23.64 15.06
C HIS C 94 7.45 -24.24 16.40
N VAL C 95 8.41 -24.84 17.11
CA VAL C 95 8.18 -25.42 18.41
C VAL C 95 7.99 -24.30 19.44
N PHE C 96 8.73 -23.21 19.27
CA PHE C 96 8.68 -22.10 20.22
C PHE C 96 7.76 -20.99 19.76
N ASP C 97 7.23 -21.13 18.54
CA ASP C 97 6.24 -20.20 18.01
C ASP C 97 4.95 -20.25 18.81
N LYS C 98 4.60 -19.14 19.47
CA LYS C 98 3.43 -19.09 20.37
C LYS C 98 2.14 -19.44 19.64
N LYS C 99 1.61 -20.62 19.95
CA LYS C 99 0.44 -21.15 19.28
C LYS C 99 -0.76 -21.09 20.23
N ILE C 100 -1.96 -20.85 19.68
CA ILE C 100 -3.17 -20.76 20.51
C ILE C 100 -3.54 -22.12 21.13
N SER C 101 -3.43 -22.18 22.46
CA SER C 101 -3.72 -23.41 23.21
C SER C 101 -5.23 -23.63 23.30
N SER C 102 -5.96 -22.55 23.56
CA SER C 102 -7.40 -22.57 23.75
C SER C 102 -8.09 -23.25 22.58
N THR C 103 -9.34 -23.64 22.80
CA THR C 103 -10.13 -24.39 21.84
C THR C 103 -11.58 -24.06 22.17
N GLY C 104 -12.48 -24.17 21.20
CA GLY C 104 -13.87 -23.75 21.41
C GLY C 104 -14.18 -22.31 20.96
N ILE C 105 -15.32 -21.81 21.41
CA ILE C 105 -15.89 -20.56 20.92
C ILE C 105 -16.11 -19.55 22.04
N GLU C 106 -15.56 -18.36 21.91
CA GLU C 106 -15.83 -17.30 22.87
C GLU C 106 -17.30 -16.90 22.86
N SER C 107 -17.81 -16.58 24.05
CA SER C 107 -19.24 -16.24 24.21
C SER C 107 -19.62 -14.98 23.42
N THR C 108 -18.62 -14.15 23.11
CA THR C 108 -18.85 -12.91 22.39
C THR C 108 -18.94 -13.10 20.87
N ALA C 109 -18.66 -14.30 20.39
CA ALA C 109 -18.80 -14.54 18.95
C ALA C 109 -20.28 -14.55 18.53
N ARG C 110 -20.55 -14.07 17.32
CA ARG C 110 -21.89 -14.12 16.74
C ARG C 110 -21.89 -15.02 15.50
N ILE C 111 -22.49 -16.20 15.61
CA ILE C 111 -22.40 -17.18 14.55
C ILE C 111 -23.79 -17.61 14.06
N HIS C 112 -24.02 -17.52 12.76
CA HIS C 112 -25.25 -18.02 12.21
C HIS C 112 -25.36 -19.55 12.45
N PRO C 113 -26.50 -20.02 12.99
CA PRO C 113 -26.66 -21.44 13.35
C PRO C 113 -26.41 -22.44 12.21
N SER C 114 -26.35 -21.98 10.97
CA SER C 114 -26.11 -22.87 9.83
C SER C 114 -24.62 -23.04 9.52
N ALA C 115 -23.78 -22.41 10.35
CA ALA C 115 -22.35 -22.60 10.25
C ALA C 115 -21.99 -23.89 10.95
N VAL C 116 -20.85 -24.45 10.58
CA VAL C 116 -20.35 -25.72 11.08
C VAL C 116 -18.93 -25.46 11.55
N ILE C 117 -18.73 -25.40 12.86
CA ILE C 117 -17.40 -25.17 13.43
C ILE C 117 -16.92 -26.39 14.20
N SER C 118 -15.74 -26.89 13.82
CA SER C 118 -15.09 -28.01 14.49
C SER C 118 -14.94 -27.71 15.99
N GLU C 119 -14.98 -28.76 16.80
CA GLU C 119 -14.76 -28.59 18.24
C GLU C 119 -13.29 -28.24 18.59
N THR C 120 -12.36 -28.58 17.70
CA THR C 120 -10.93 -28.33 17.90
C THR C 120 -10.50 -26.96 17.38
N ALA C 121 -11.43 -26.25 16.73
CA ALA C 121 -11.22 -24.87 16.31
C ALA C 121 -11.37 -23.89 17.47
N TYR C 122 -10.64 -22.79 17.40
CA TYR C 122 -10.81 -21.67 18.30
C TYR C 122 -11.42 -20.50 17.54
N ILE C 123 -12.55 -20.01 18.03
CA ILE C 123 -13.19 -18.85 17.46
C ILE C 123 -13.16 -17.74 18.52
N GLY C 124 -12.39 -16.70 18.23
CA GLY C 124 -12.09 -15.64 19.18
C GLY C 124 -13.20 -14.66 19.48
N HIS C 125 -12.91 -13.72 20.35
CA HIS C 125 -13.89 -12.73 20.73
C HIS C 125 -14.39 -11.90 19.56
N TYR C 126 -15.71 -11.63 19.55
CA TYR C 126 -16.33 -10.67 18.62
C TYR C 126 -16.19 -11.10 17.16
N VAL C 127 -16.01 -12.38 16.96
CA VAL C 127 -16.01 -12.90 15.61
C VAL C 127 -17.45 -13.07 15.13
N VAL C 128 -17.70 -12.61 13.90
CA VAL C 128 -18.97 -12.76 13.24
C VAL C 128 -18.81 -13.81 12.13
N ILE C 129 -19.72 -14.76 12.06
CA ILE C 129 -19.65 -15.83 11.07
C ILE C 129 -21.03 -16.06 10.44
N GLY C 130 -21.13 -15.84 9.13
CA GLY C 130 -22.41 -15.89 8.40
C GLY C 130 -22.88 -17.28 8.02
N GLU C 131 -23.91 -17.34 7.17
CA GLU C 131 -24.64 -18.59 6.87
C GLU C 131 -23.83 -19.53 6.00
N ASN C 132 -24.13 -20.82 6.16
CA ASN C 132 -23.45 -21.91 5.42
C ASN C 132 -21.93 -21.94 5.58
N CYS C 133 -21.39 -21.25 6.58
CA CYS C 133 -19.92 -21.20 6.79
C CYS C 133 -19.33 -22.50 7.37
N VAL C 134 -18.06 -22.74 7.10
CA VAL C 134 -17.35 -23.91 7.64
C VAL C 134 -16.00 -23.49 8.24
N VAL C 135 -15.64 -24.10 9.37
CA VAL C 135 -14.34 -23.86 9.99
C VAL C 135 -13.76 -25.20 10.43
N GLY C 136 -12.69 -25.63 9.78
CA GLY C 136 -12.12 -26.94 9.98
C GLY C 136 -11.32 -27.12 11.26
N ASP C 137 -10.94 -28.37 11.50
CA ASP C 137 -10.25 -28.80 12.70
C ASP C 137 -9.05 -27.91 13.00
N ASN C 138 -8.83 -27.63 14.29
CA ASN C 138 -7.58 -26.97 14.76
C ASN C 138 -7.33 -25.57 14.19
N THR C 139 -8.34 -25.03 13.51
CA THR C 139 -8.21 -23.74 12.86
C THR C 139 -8.45 -22.62 13.86
N VAL C 140 -7.53 -21.65 13.87
CA VAL C 140 -7.67 -20.47 14.74
C VAL C 140 -8.24 -19.27 13.99
N ILE C 141 -9.37 -18.75 14.47
CA ILE C 141 -9.93 -17.50 13.97
C ILE C 141 -9.82 -16.47 15.13
N GLN C 142 -8.84 -15.58 15.03
CA GLN C 142 -8.54 -14.66 16.11
C GLN C 142 -9.64 -13.60 16.19
N SER C 143 -9.65 -12.85 17.29
CA SER C 143 -10.71 -11.90 17.61
C SER C 143 -11.00 -10.85 16.54
N HIS C 144 -12.27 -10.45 16.46
CA HIS C 144 -12.72 -9.36 15.60
C HIS C 144 -12.82 -9.68 14.12
N THR C 145 -12.48 -10.89 13.71
CA THR C 145 -12.55 -11.24 12.31
C THR C 145 -13.99 -11.59 11.90
N LYS C 146 -14.32 -11.44 10.61
CA LYS C 146 -15.57 -12.00 10.11
C LYS C 146 -15.42 -12.83 8.86
N LEU C 147 -16.18 -13.92 8.82
CA LEU C 147 -16.42 -14.71 7.61
C LEU C 147 -17.82 -14.34 7.20
N ASP C 148 -17.97 -13.80 5.99
CA ASP C 148 -19.30 -13.57 5.41
C ASP C 148 -19.92 -14.90 4.94
N ASP C 149 -21.13 -14.84 4.40
CA ASP C 149 -21.87 -16.04 4.00
C ASP C 149 -21.03 -16.97 3.10
N ASN C 150 -21.24 -18.28 3.27
CA ASN C 150 -20.71 -19.30 2.34
C ASN C 150 -19.20 -19.44 2.31
N VAL C 151 -18.51 -18.69 3.16
CA VAL C 151 -17.07 -18.82 3.29
C VAL C 151 -16.71 -20.13 3.99
N GLU C 152 -15.67 -20.79 3.52
CA GLU C 152 -15.12 -21.97 4.20
C GLU C 152 -13.59 -21.88 4.42
N VAL C 153 -13.16 -22.37 5.58
CA VAL C 153 -11.77 -22.41 5.98
C VAL C 153 -11.46 -23.89 6.26
N GLY C 154 -10.29 -24.34 5.82
CA GLY C 154 -9.92 -25.72 6.04
C GLY C 154 -9.43 -26.02 7.44
N LYS C 155 -8.57 -27.03 7.54
CA LYS C 155 -7.96 -27.42 8.80
C LYS C 155 -6.64 -26.67 9.00
N ASP C 156 -6.14 -26.70 10.23
CA ASP C 156 -4.89 -26.03 10.61
C ASP C 156 -4.62 -24.65 10.02
N CYS C 157 -5.68 -23.88 9.83
CA CYS C 157 -5.51 -22.53 9.33
C CYS C 157 -5.28 -21.55 10.49
N PHE C 158 -4.47 -20.54 10.21
CA PHE C 158 -4.38 -19.44 11.12
C PHE C 158 -5.05 -18.23 10.48
N ILE C 159 -6.03 -17.65 11.15
CA ILE C 159 -6.65 -16.44 10.63
C ILE C 159 -6.71 -15.33 11.69
N ASP C 160 -5.89 -14.32 11.50
CA ASP C 160 -5.66 -13.31 12.53
C ASP C 160 -6.80 -12.33 12.62
N SER C 161 -6.63 -11.30 13.45
CA SER C 161 -7.67 -10.32 13.70
C SER C 161 -7.89 -9.30 12.58
N TYR C 162 -9.06 -8.67 12.60
CA TYR C 162 -9.45 -7.61 11.64
C TYR C 162 -9.31 -8.05 10.19
N VAL C 163 -9.62 -9.32 9.94
CA VAL C 163 -9.66 -9.85 8.57
C VAL C 163 -11.10 -9.90 8.07
N THR C 164 -11.30 -9.50 6.83
CA THR C 164 -12.57 -9.73 6.17
C THR C 164 -12.42 -10.93 5.24
N ILE C 165 -13.31 -11.90 5.40
CA ILE C 165 -13.46 -12.94 4.39
C ILE C 165 -14.90 -12.93 3.90
N THR C 166 -15.04 -12.65 2.61
CA THR C 166 -16.31 -12.45 1.97
C THR C 166 -16.20 -12.97 0.54
N GLY C 167 -17.19 -12.64 -0.29
CA GLY C 167 -17.30 -13.22 -1.63
C GLY C 167 -17.32 -14.73 -1.54
N SER C 168 -17.93 -15.23 -0.47
CA SER C 168 -17.93 -16.67 -0.18
C SER C 168 -16.64 -17.35 -0.65
N SER C 169 -15.51 -16.88 -0.12
CA SER C 169 -14.22 -17.41 -0.47
C SER C 169 -14.01 -18.76 0.17
N LYS C 170 -13.31 -19.64 -0.54
CA LYS C 170 -12.96 -20.97 -0.08
C LYS C 170 -11.48 -21.10 0.25
N LEU C 171 -11.18 -21.44 1.49
CA LEU C 171 -9.80 -21.64 1.91
C LEU C 171 -9.53 -23.11 2.22
N ARG C 172 -8.51 -23.68 1.58
CA ARG C 172 -8.08 -25.04 1.87
C ARG C 172 -7.30 -25.12 3.19
N ASP C 173 -6.23 -25.90 3.27
CA ASP C 173 -5.60 -26.18 4.60
C ASP C 173 -4.28 -25.46 4.86
N ARG C 174 -3.99 -25.27 6.16
CA ARG C 174 -2.79 -24.57 6.62
C ARG C 174 -2.61 -23.22 5.92
N VAL C 175 -3.73 -22.51 5.74
CA VAL C 175 -3.70 -21.17 5.18
C VAL C 175 -3.51 -20.17 6.32
N ARG C 176 -2.64 -19.20 6.12
CA ARG C 176 -2.37 -18.19 7.13
C ARG C 176 -2.74 -16.86 6.52
N ILE C 177 -3.61 -16.14 7.21
CA ILE C 177 -3.98 -14.81 6.78
C ILE C 177 -3.69 -13.84 7.92
N HIS C 178 -2.74 -12.93 7.68
CA HIS C 178 -2.32 -11.96 8.68
C HIS C 178 -3.34 -10.83 8.86
N SER C 179 -3.12 -9.98 9.87
CA SER C 179 -4.14 -9.00 10.25
C SER C 179 -4.51 -7.95 9.20
N SER C 180 -5.64 -7.28 9.42
CA SER C 180 -6.07 -6.11 8.64
C SER C 180 -6.06 -6.38 7.13
N THR C 181 -6.40 -7.61 6.75
CA THR C 181 -6.36 -8.01 5.34
C THR C 181 -7.78 -8.31 4.83
N VAL C 182 -8.01 -8.13 3.53
CA VAL C 182 -9.35 -8.35 2.96
C VAL C 182 -9.34 -9.37 1.82
N ILE C 183 -10.01 -10.48 2.03
CA ILE C 183 -10.07 -11.56 1.07
C ILE C 183 -11.47 -11.63 0.42
N GLY C 184 -11.47 -11.62 -0.90
CA GLY C 184 -12.67 -11.87 -1.68
C GLY C 184 -13.62 -10.71 -1.71
N GLY C 185 -13.09 -9.49 -1.65
CA GLY C 185 -13.94 -8.30 -1.65
C GLY C 185 -14.23 -7.87 -3.07
N GLU C 186 -15.15 -6.92 -3.25
CA GLU C 186 -15.59 -6.52 -4.58
C GLU C 186 -14.46 -5.88 -5.40
N GLY C 187 -14.12 -6.50 -6.52
CA GLY C 187 -13.04 -6.01 -7.40
C GLY C 187 -13.36 -4.68 -8.07
N PHE C 188 -12.43 -4.18 -8.86
CA PHE C 188 -12.53 -2.88 -9.47
C PHE C 188 -13.18 -2.96 -10.85
N GLY C 189 -14.50 -3.19 -10.87
CA GLY C 189 -15.20 -3.42 -12.13
C GLY C 189 -16.06 -2.25 -12.51
N PHE C 190 -15.66 -1.51 -13.54
CA PHE C 190 -16.42 -0.33 -13.94
C PHE C 190 -16.49 -0.17 -15.44
N ALA C 191 -17.72 -0.20 -15.96
CA ALA C 191 -17.98 0.04 -17.37
C ALA C 191 -18.04 1.54 -17.66
N PRO C 192 -17.22 2.02 -18.60
CA PRO C 192 -17.29 3.43 -19.04
C PRO C 192 -18.47 3.69 -19.96
N TYR C 193 -19.31 4.67 -19.61
CA TYR C 193 -20.32 5.21 -20.54
C TYR C 193 -20.49 6.74 -20.44
N GLN C 194 -20.15 7.42 -21.55
CA GLN C 194 -20.32 8.88 -21.70
C GLN C 194 -19.77 9.66 -20.50
N GLY C 195 -18.51 9.38 -20.16
CA GLY C 195 -17.81 10.07 -19.07
C GLY C 195 -17.91 9.40 -17.71
N LYS C 196 -19.09 8.90 -17.36
CA LYS C 196 -19.31 8.24 -16.08
C LYS C 196 -18.80 6.78 -16.05
N TRP C 197 -18.89 6.14 -14.88
CA TRP C 197 -18.54 4.74 -14.68
C TRP C 197 -19.76 4.01 -14.14
N HIS C 198 -20.12 2.91 -14.78
CA HIS C 198 -21.17 2.05 -14.25
C HIS C 198 -20.53 0.90 -13.47
N ARG C 199 -20.81 0.87 -12.18
CA ARG C 199 -20.29 -0.20 -11.31
C ARG C 199 -20.75 -1.58 -11.78
N ILE C 200 -19.81 -2.52 -11.80
CA ILE C 200 -20.09 -3.92 -12.15
C ILE C 200 -20.07 -4.80 -10.90
N ALA C 201 -21.23 -5.27 -10.46
CA ALA C 201 -21.26 -6.21 -9.33
C ALA C 201 -20.42 -7.46 -9.62
N GLN C 202 -19.78 -7.98 -8.59
CA GLN C 202 -18.75 -8.96 -8.80
C GLN C 202 -19.25 -10.31 -8.30
N LEU C 203 -19.50 -11.24 -9.23
CA LEU C 203 -20.38 -12.40 -8.97
C LEU C 203 -19.69 -13.73 -8.57
N GLY C 204 -18.43 -13.89 -8.96
CA GLY C 204 -17.63 -15.04 -8.57
C GLY C 204 -17.04 -14.94 -7.16
N SER C 205 -15.93 -15.64 -6.95
CA SER C 205 -15.39 -15.84 -5.63
C SER C 205 -13.86 -16.04 -5.64
N VAL C 206 -13.35 -16.65 -4.57
CA VAL C 206 -11.92 -16.87 -4.33
C VAL C 206 -11.64 -18.30 -3.90
N LEU C 207 -10.65 -18.91 -4.53
CA LEU C 207 -10.15 -20.21 -4.16
C LEU C 207 -8.73 -20.01 -3.66
N ILE C 208 -8.51 -20.26 -2.37
CA ILE C 208 -7.18 -20.23 -1.78
C ILE C 208 -6.70 -21.66 -1.43
N GLY C 209 -5.63 -22.09 -2.08
CA GLY C 209 -5.09 -23.43 -1.87
C GLY C 209 -4.37 -23.62 -0.54
N ASN C 210 -3.88 -24.84 -0.35
CA ASN C 210 -3.21 -25.22 0.89
C ASN C 210 -1.88 -24.53 1.03
N ASP C 211 -1.41 -24.44 2.28
CA ASP C 211 -0.11 -23.82 2.62
C ASP C 211 0.17 -22.45 1.98
N VAL C 212 -0.86 -21.64 1.90
CA VAL C 212 -0.77 -20.30 1.36
C VAL C 212 -0.56 -19.34 2.53
N ARG C 213 0.42 -18.44 2.41
CA ARG C 213 0.58 -17.37 3.39
C ARG C 213 0.32 -16.01 2.76
N ILE C 214 -0.60 -15.28 3.37
CA ILE C 214 -0.95 -13.93 2.95
C ILE C 214 -0.69 -12.96 4.09
N GLY C 215 0.04 -11.90 3.76
CA GLY C 215 0.44 -10.90 4.71
C GLY C 215 -0.65 -9.97 5.17
N SER C 216 -0.25 -8.97 5.97
CA SER C 216 -1.14 -7.94 6.49
C SER C 216 -1.39 -6.85 5.46
N ASN C 217 -2.51 -6.17 5.63
CA ASN C 217 -2.95 -5.11 4.71
C ASN C 217 -2.87 -5.47 3.23
N CYS C 218 -3.30 -6.68 2.88
CA CYS C 218 -3.42 -7.10 1.48
C CYS C 218 -4.87 -7.10 1.04
N SER C 219 -5.08 -6.94 -0.27
CA SER C 219 -6.40 -7.13 -0.85
C SER C 219 -6.35 -8.14 -1.98
N ILE C 220 -7.01 -9.28 -1.77
CA ILE C 220 -7.26 -10.28 -2.80
C ILE C 220 -8.76 -10.26 -3.18
N ASP C 221 -9.10 -9.62 -4.29
CA ASP C 221 -10.50 -9.43 -4.69
C ASP C 221 -11.15 -10.70 -5.20
N ARG C 222 -12.47 -10.78 -5.07
CA ARG C 222 -13.18 -11.90 -5.69
C ARG C 222 -13.19 -11.79 -7.21
N GLY C 223 -13.61 -12.86 -7.88
CA GLY C 223 -13.74 -12.86 -9.33
C GLY C 223 -14.95 -12.07 -9.79
N ALA C 224 -14.89 -11.57 -11.02
CA ALA C 224 -16.05 -10.91 -11.64
C ALA C 224 -17.05 -12.02 -11.97
N LEU C 225 -16.52 -13.02 -12.66
CA LEU C 225 -17.18 -14.28 -12.91
C LEU C 225 -16.09 -15.28 -12.63
N ASP C 226 -16.45 -16.51 -12.27
CA ASP C 226 -15.43 -17.47 -11.84
C ASP C 226 -14.70 -16.99 -10.57
N ASN C 227 -13.39 -17.25 -10.51
CA ASN C 227 -12.67 -17.15 -9.27
C ASN C 227 -11.28 -16.57 -9.42
N THR C 228 -10.91 -15.70 -8.47
CA THR C 228 -9.50 -15.38 -8.22
C THR C 228 -8.93 -16.64 -7.58
N ILE C 229 -7.73 -17.04 -8.01
CA ILE C 229 -7.10 -18.26 -7.49
C ILE C 229 -5.67 -18.09 -7.01
N LEU C 230 -5.41 -18.54 -5.80
CA LEU C 230 -4.04 -18.76 -5.32
C LEU C 230 -3.81 -20.26 -5.17
N GLU C 231 -2.96 -20.82 -6.04
CA GLU C 231 -2.63 -22.22 -6.03
C GLU C 231 -1.81 -22.56 -4.78
N ASP C 232 -1.70 -23.84 -4.48
CA ASP C 232 -1.06 -24.28 -3.27
C ASP C 232 0.36 -23.71 -3.14
N GLY C 233 0.83 -23.46 -1.91
CA GLY C 233 2.20 -22.99 -1.65
C GLY C 233 2.58 -21.55 -2.00
N VAL C 234 1.60 -20.74 -2.41
CA VAL C 234 1.85 -19.34 -2.76
C VAL C 234 2.04 -18.55 -1.47
N ILE C 235 3.07 -17.71 -1.47
CA ILE C 235 3.35 -16.80 -0.37
C ILE C 235 3.24 -15.34 -0.87
N ILE C 236 2.58 -14.50 -0.08
CA ILE C 236 2.32 -13.11 -0.45
C ILE C 236 2.67 -12.24 0.75
N ASP C 237 3.53 -11.25 0.54
CA ASP C 237 3.92 -10.39 1.65
C ASP C 237 2.86 -9.32 1.90
N ASN C 238 3.14 -8.42 2.85
CA ASN C 238 2.19 -7.38 3.23
C ASN C 238 1.90 -6.37 2.13
N LEU C 239 0.72 -5.73 2.21
CA LEU C 239 0.40 -4.59 1.37
C LEU C 239 0.43 -4.92 -0.12
N VAL C 240 -0.22 -6.01 -0.51
CA VAL C 240 -0.25 -6.46 -1.91
C VAL C 240 -1.68 -6.46 -2.48
N GLN C 241 -1.79 -6.05 -3.76
CA GLN C 241 -3.07 -6.05 -4.44
C GLN C 241 -3.18 -7.18 -5.47
N ILE C 242 -4.15 -8.06 -5.24
CA ILE C 242 -4.48 -9.11 -6.18
C ILE C 242 -5.87 -8.79 -6.71
N ALA C 243 -5.94 -8.44 -7.98
CA ALA C 243 -7.21 -8.02 -8.58
C ALA C 243 -8.12 -9.21 -8.89
N HIS C 244 -9.31 -8.93 -9.40
CA HIS C 244 -10.27 -9.96 -9.81
C HIS C 244 -9.69 -10.90 -10.86
N ASN C 245 -10.00 -12.19 -10.72
CA ASN C 245 -9.64 -13.22 -11.71
C ASN C 245 -8.16 -13.40 -11.93
N VAL C 246 -7.36 -12.85 -11.01
CA VAL C 246 -5.95 -13.15 -11.00
C VAL C 246 -5.83 -14.61 -10.60
N HIS C 247 -4.87 -15.30 -11.23
CA HIS C 247 -4.63 -16.70 -11.00
C HIS C 247 -3.12 -16.81 -10.78
N ILE C 248 -2.72 -17.29 -9.61
CA ILE C 248 -1.30 -17.39 -9.29
C ILE C 248 -0.90 -18.85 -9.05
N GLY C 249 0.08 -19.30 -9.83
CA GLY C 249 0.45 -20.70 -9.86
C GLY C 249 1.25 -21.17 -8.69
N SER C 250 1.21 -22.49 -8.48
CA SER C 250 2.02 -23.18 -7.46
C SER C 250 3.28 -22.42 -7.02
N ASN C 251 3.45 -22.26 -5.71
CA ASN C 251 4.74 -21.88 -5.12
C ASN C 251 5.42 -20.61 -5.65
N THR C 252 4.60 -19.70 -6.18
CA THR C 252 5.04 -18.39 -6.61
C THR C 252 5.13 -17.48 -5.38
N ALA C 253 6.16 -16.64 -5.35
CA ALA C 253 6.38 -15.74 -4.23
C ALA C 253 6.08 -14.31 -4.66
N ILE C 254 5.24 -13.59 -3.90
CA ILE C 254 4.92 -12.21 -4.24
C ILE C 254 5.29 -11.26 -3.10
N ALA C 255 6.36 -10.49 -3.32
CA ALA C 255 6.90 -9.58 -2.32
C ALA C 255 5.99 -8.38 -2.06
N ALA C 256 6.37 -7.61 -1.05
CA ALA C 256 5.59 -6.50 -0.54
C ALA C 256 5.28 -5.46 -1.61
N LYS C 257 4.09 -4.87 -1.51
CA LYS C 257 3.65 -3.75 -2.33
C LYS C 257 3.45 -4.07 -3.83
N CYS C 258 3.38 -5.35 -4.17
CA CYS C 258 3.14 -5.77 -5.55
C CYS C 258 1.66 -5.53 -5.91
N GLY C 259 1.41 -5.24 -7.18
CA GLY C 259 0.05 -5.10 -7.69
C GLY C 259 -0.13 -5.96 -8.93
N ILE C 260 -1.14 -6.83 -8.90
CA ILE C 260 -1.46 -7.66 -10.06
C ILE C 260 -2.86 -7.35 -10.50
N ALA C 261 -2.99 -6.91 -11.76
CA ALA C 261 -4.25 -6.41 -12.29
C ALA C 261 -5.17 -7.54 -12.78
N GLY C 262 -6.41 -7.17 -13.10
CA GLY C 262 -7.49 -8.12 -13.33
C GLY C 262 -7.23 -9.15 -14.42
N SER C 263 -7.61 -10.39 -14.16
CA SER C 263 -7.51 -11.50 -15.13
C SER C 263 -6.10 -11.81 -15.60
N THR C 264 -5.09 -11.51 -14.79
CA THR C 264 -3.73 -11.94 -15.13
C THR C 264 -3.39 -13.31 -14.54
N LYS C 265 -2.72 -14.13 -15.32
CA LYS C 265 -2.29 -15.46 -14.89
C LYS C 265 -0.79 -15.45 -14.69
N ILE C 266 -0.37 -15.93 -13.54
CA ILE C 266 1.04 -15.99 -13.23
C ILE C 266 1.42 -17.46 -12.99
N GLY C 267 2.47 -17.90 -13.67
CA GLY C 267 2.83 -19.32 -13.65
C GLY C 267 3.24 -19.88 -12.31
N LYS C 268 3.59 -21.16 -12.30
CA LYS C 268 4.13 -21.81 -11.12
C LYS C 268 5.54 -21.28 -10.87
N ASN C 269 5.92 -21.22 -9.60
CA ASN C 269 7.29 -20.93 -9.16
C ASN C 269 7.88 -19.61 -9.65
N CYS C 270 7.03 -18.61 -9.87
CA CYS C 270 7.52 -17.29 -10.23
C CYS C 270 8.01 -16.57 -8.96
N ILE C 271 8.93 -15.64 -9.13
CA ILE C 271 9.39 -14.84 -8.00
C ILE C 271 9.24 -13.39 -8.40
N LEU C 272 8.52 -12.63 -7.58
CA LEU C 272 8.33 -11.21 -7.86
C LEU C 272 8.86 -10.36 -6.72
N ALA C 273 9.86 -9.53 -7.00
CA ALA C 273 10.43 -8.65 -5.98
C ALA C 273 9.45 -7.53 -5.62
N GLY C 274 9.89 -6.67 -4.71
CA GLY C 274 9.09 -5.56 -4.22
C GLY C 274 8.54 -4.62 -5.25
N ALA C 275 7.29 -4.19 -4.99
CA ALA C 275 6.68 -3.08 -5.70
C ALA C 275 6.58 -3.29 -7.25
N CYS C 276 6.40 -4.53 -7.68
CA CYS C 276 6.11 -4.82 -9.07
C CYS C 276 4.68 -4.47 -9.44
N GLY C 277 4.49 -4.10 -10.70
CA GLY C 277 3.15 -3.86 -11.25
C GLY C 277 2.92 -4.72 -12.47
N VAL C 278 1.87 -5.52 -12.44
CA VAL C 278 1.55 -6.30 -13.61
C VAL C 278 0.21 -5.90 -14.14
N ALA C 279 0.18 -5.51 -15.40
CA ALA C 279 -1.07 -5.10 -16.04
C ALA C 279 -2.06 -6.27 -16.23
N GLY C 280 -3.30 -5.93 -16.60
CA GLY C 280 -4.38 -6.89 -16.73
C GLY C 280 -4.32 -7.70 -18.00
N HIS C 281 -5.15 -8.74 -18.07
CA HIS C 281 -5.24 -9.63 -19.24
C HIS C 281 -3.90 -10.24 -19.77
N LEU C 282 -2.93 -10.44 -18.87
CA LEU C 282 -1.62 -10.98 -19.25
C LEU C 282 -1.38 -12.40 -18.76
N SER C 283 -0.47 -13.10 -19.46
CA SER C 283 0.04 -14.39 -19.03
C SER C 283 1.50 -14.22 -18.76
N ILE C 284 1.95 -14.85 -17.68
CA ILE C 284 3.35 -14.89 -17.33
C ILE C 284 3.65 -16.34 -17.10
N ALA C 285 4.68 -16.84 -17.78
CA ALA C 285 5.01 -18.26 -17.78
C ALA C 285 5.48 -18.72 -16.42
N ASP C 286 5.49 -20.04 -16.22
CA ASP C 286 6.25 -20.68 -15.13
C ASP C 286 7.68 -20.15 -15.11
N ASN C 287 8.24 -20.02 -13.91
CA ASN C 287 9.67 -19.73 -13.69
C ASN C 287 10.19 -18.38 -14.16
N VAL C 288 9.36 -17.35 -14.07
CA VAL C 288 9.76 -15.98 -14.40
C VAL C 288 10.05 -15.25 -13.10
N THR C 289 11.21 -14.60 -13.02
CA THR C 289 11.57 -13.78 -11.88
C THR C 289 11.54 -12.32 -12.33
N LEU C 290 10.90 -11.49 -11.50
CA LEU C 290 10.80 -10.05 -11.73
C LEU C 290 11.52 -9.32 -10.60
N THR C 291 12.46 -8.45 -10.96
CA THR C 291 13.22 -7.68 -9.97
C THR C 291 12.40 -6.46 -9.55
N GLY C 292 12.92 -5.71 -8.58
CA GLY C 292 12.17 -4.63 -7.94
C GLY C 292 11.51 -3.68 -8.91
N MET C 293 10.30 -3.23 -8.55
CA MET C 293 9.55 -2.25 -9.34
C MET C 293 9.46 -2.53 -10.82
N SER C 294 9.31 -3.80 -11.20
CA SER C 294 9.17 -4.14 -12.61
C SER C 294 7.79 -3.79 -13.17
N MET C 295 7.77 -3.48 -14.47
CA MET C 295 6.57 -3.01 -15.17
C MET C 295 6.21 -3.95 -16.28
N VAL C 296 5.21 -4.80 -16.06
CA VAL C 296 4.83 -5.76 -17.08
C VAL C 296 3.55 -5.37 -17.79
N THR C 297 3.64 -5.18 -19.12
CA THR C 297 2.47 -4.82 -19.92
C THR C 297 2.22 -5.76 -21.10
N LYS C 298 3.08 -6.76 -21.28
CA LYS C 298 2.82 -7.82 -22.25
C LYS C 298 3.03 -9.19 -21.61
N ASN C 299 2.52 -10.23 -22.26
CA ASN C 299 2.79 -11.60 -21.86
C ASN C 299 4.29 -11.87 -21.75
N ILE C 300 4.69 -12.64 -20.74
CA ILE C 300 6.05 -13.12 -20.66
C ILE C 300 6.01 -14.61 -20.87
N SER C 301 6.46 -15.05 -22.03
CA SER C 301 6.26 -16.43 -22.44
C SER C 301 7.46 -17.35 -22.25
N GLU C 302 8.65 -16.78 -22.07
CA GLU C 302 9.86 -17.58 -21.78
C GLU C 302 10.26 -17.35 -20.33
N ALA C 303 10.57 -18.43 -19.60
CA ALA C 303 11.14 -18.29 -18.25
C ALA C 303 12.47 -17.54 -18.29
N GLY C 304 12.83 -16.90 -17.19
CA GLY C 304 14.02 -16.07 -17.13
C GLY C 304 13.85 -14.93 -16.14
N THR C 305 14.62 -13.86 -16.33
CA THR C 305 14.62 -12.75 -15.36
C THR C 305 14.41 -11.40 -16.06
N TYR C 306 13.47 -10.60 -15.56
CA TYR C 306 13.06 -9.35 -16.23
C TYR C 306 13.05 -8.18 -15.25
N SER C 307 12.99 -6.95 -15.75
CA SER C 307 13.36 -5.78 -14.97
C SER C 307 12.97 -4.43 -15.60
N SER C 308 12.73 -3.46 -14.71
CA SER C 308 12.48 -2.08 -15.06
C SER C 308 13.31 -1.19 -14.13
N GLY C 309 13.53 0.06 -14.54
CA GLY C 309 14.19 1.02 -13.67
C GLY C 309 15.40 1.64 -14.32
N THR C 310 15.78 2.82 -13.82
CA THR C 310 16.89 3.60 -14.35
C THR C 310 18.18 3.33 -13.61
N GLY C 311 18.08 2.81 -12.39
CA GLY C 311 19.24 2.77 -11.52
C GLY C 311 19.14 4.00 -10.64
N LEU C 312 19.83 3.99 -9.52
CA LEU C 312 19.85 5.16 -8.65
C LEU C 312 20.98 6.12 -9.07
N PHE C 313 20.62 7.40 -9.21
CA PHE C 313 21.55 8.50 -9.52
C PHE C 313 21.59 9.48 -8.36
N GLU C 314 22.75 10.13 -8.18
CA GLU C 314 22.82 11.32 -7.33
C GLU C 314 21.96 12.39 -8.00
N ASN C 315 21.21 13.15 -7.21
CA ASN C 315 20.15 14.00 -7.74
C ASN C 315 20.56 14.84 -8.93
N ASN C 316 21.64 15.60 -8.77
CA ASN C 316 22.12 16.47 -9.85
C ASN C 316 22.53 15.72 -11.11
N HIS C 317 23.29 14.65 -10.93
CA HIS C 317 23.58 13.74 -12.03
C HIS C 317 22.29 13.19 -12.66
N TRP C 318 21.26 13.04 -11.82
CA TRP C 318 19.94 12.60 -12.28
C TRP C 318 19.32 13.64 -13.21
N LYS C 319 19.29 14.88 -12.76
CA LYS C 319 18.71 15.94 -13.56
C LYS C 319 19.39 16.03 -14.92
N LYS C 320 20.71 16.00 -14.93
CA LYS C 320 21.47 16.06 -16.18
C LYS C 320 21.11 14.92 -17.15
N THR C 321 20.88 13.73 -16.59
CA THR C 321 20.57 12.53 -17.37
C THR C 321 19.16 12.54 -18.01
N ILE C 322 18.19 13.15 -17.31
CA ILE C 322 16.82 13.16 -17.82
C ILE C 322 16.66 14.19 -18.92
N VAL C 323 17.35 15.32 -18.76
CA VAL C 323 17.44 16.34 -19.79
C VAL C 323 17.96 15.66 -21.06
N ARG C 324 18.99 14.86 -20.90
CA ARG C 324 19.55 14.12 -22.01
C ARG C 324 18.55 13.09 -22.57
N LEU C 325 17.92 12.35 -21.67
CA LEU C 325 16.87 11.39 -21.99
C LEU C 325 15.70 12.03 -22.76
N ARG C 326 15.44 13.31 -22.49
CA ARG C 326 14.31 14.02 -23.08
C ARG C 326 14.54 14.35 -24.55
N GLN C 327 15.81 14.43 -24.92
CA GLN C 327 16.21 14.82 -26.25
C GLN C 327 16.53 13.61 -27.09
N LEU C 328 16.49 12.44 -26.46
CA LEU C 328 16.84 11.18 -27.11
C LEU C 328 15.95 10.81 -28.29
N ALA C 329 14.68 11.23 -28.24
CA ALA C 329 13.74 10.95 -29.32
C ALA C 329 14.03 11.77 -30.57
N ASP C 330 14.56 12.98 -30.39
CA ASP C 330 14.95 13.83 -31.51
C ASP C 330 16.39 13.59 -31.95
N VAL C 331 16.85 12.33 -31.87
CA VAL C 331 18.24 11.96 -32.14
C VAL C 331 18.27 10.66 -32.92
N PRO C 332 18.84 10.68 -34.14
CA PRO C 332 18.88 9.45 -34.95
C PRO C 332 20.00 8.48 -34.51
N LEU C 333 19.99 8.11 -33.21
CA LEU C 333 21.04 7.28 -32.59
C LEU C 333 21.38 6.04 -33.42
N THR C 334 20.42 5.61 -34.24
CA THR C 334 20.56 4.44 -35.10
C THR C 334 21.50 4.72 -36.26
N GLN C 335 21.42 5.94 -36.81
CA GLN C 335 22.14 6.31 -38.03
C GLN C 335 23.53 6.88 -37.76
N ILE C 336 23.78 7.24 -36.50
CA ILE C 336 25.03 7.87 -36.07
C ILE C 336 26.30 7.16 -36.56
N THR C 337 26.34 5.84 -36.48
CA THR C 337 27.52 5.10 -36.96
C THR C 337 27.59 5.01 -38.49
N LYS C 338 26.42 5.05 -39.13
CA LYS C 338 26.31 5.02 -40.60
C LYS C 338 26.49 6.41 -41.17
N ARG C 339 26.14 7.42 -40.38
CA ARG C 339 26.42 8.82 -40.69
C ARG C 339 27.92 9.08 -40.55
N LEU C 340 28.50 8.62 -39.44
CA LEU C 340 29.96 8.70 -39.25
C LEU C 340 30.67 7.89 -40.34
N ASP C 341 30.06 6.75 -40.71
CA ASP C 341 30.56 5.92 -41.81
C ASP C 341 30.51 6.75 -43.09
N HIS C 342 29.31 7.19 -43.46
CA HIS C 342 29.10 7.96 -44.68
C HIS C 342 29.94 9.24 -44.77
N ILE C 343 30.09 9.91 -43.64
CA ILE C 343 30.89 11.12 -43.57
C ILE C 343 32.36 10.82 -43.86
N GLN C 344 32.84 9.70 -43.34
CA GLN C 344 34.20 9.27 -43.59
C GLN C 344 34.32 8.70 -45.01
N ALA C 345 33.20 8.22 -45.54
CA ALA C 345 33.13 7.78 -46.94
C ALA C 345 33.51 8.95 -47.85
N GLN C 346 32.64 9.94 -47.97
CA GLN C 346 32.91 11.08 -48.84
C GLN C 346 34.12 11.91 -48.44
N ILE C 347 34.75 11.57 -47.32
CA ILE C 347 36.11 12.03 -47.01
C ILE C 347 37.14 11.26 -47.83
N GLU C 348 36.99 9.93 -47.86
CA GLU C 348 37.88 9.06 -48.63
C GLU C 348 37.67 9.24 -50.13
N SER C 349 36.42 9.46 -50.53
CA SER C 349 36.07 9.60 -51.94
C SER C 349 36.12 11.06 -52.41
N LEU C 350 37.05 11.82 -51.86
CA LEU C 350 37.25 13.22 -52.24
C LEU C 350 38.63 13.41 -52.88
N GLU C 351 39.64 12.75 -52.30
CA GLU C 351 41.00 12.83 -52.83
C GLU C 351 41.11 12.07 -54.16
N SER C 352 41.80 12.70 -55.11
CA SER C 352 42.06 12.13 -56.45
C SER C 352 43.13 12.93 -57.19
#